data_6PF1
#
_entry.id   6PF1
#
_cell.length_a   65.062
_cell.length_b   90.634
_cell.length_c   112.950
_cell.angle_alpha   90.000
_cell.angle_beta   90.000
_cell.angle_gamma   90.000
#
_symmetry.space_group_name_H-M   'P 21 21 21'
#
loop_
_entity.id
_entity.type
_entity.pdbx_description
1 polymer 'Histone acetyltransferase p300'
2 non-polymer 'COENZYME A'
3 non-polymer 3-[3-chloro-5-(trifluoromethyl)pyridin-2-yl]-2-methyl-1H-indole
4 water water
#
_entity_poly.entity_id   1
_entity_poly.type   'polypeptide(L)'
_entity_poly.pdbx_seq_one_letter_code
;MHHHHHHGSENLYFQGSKFSAKRLPSTRLGTFLENRVNDFLRRQNHPESGEVTVRVVHASDKTVEVKPGMKARFVDSGEM
AESFPYRTKALFAFEEIDGVDLCFFGMHVQEYGSDCPPPNQRRVYISYLDSVHFFRPKCLRTAVYHEILIGYLEYVKKLG
YTTGHIWACPPSEGDDYIFHCHPPDQKIPKPKRLQEWFKKMLDKAVSERIVHDYKDIFKQATEDRLTSAKELPYFEGDFW
PNVLEESIKESGGSGSQKLYATMEKHKEVFFVIRLIAGPAANSLPPIVDPDPLIPCDLMDGRDAFLTLARDKHLEFSSLR
RAQWSTMCMLVELHTQSQ
;
_entity_poly.pdbx_strand_id   A,B
#
# COMPACT_ATOMS: atom_id res chain seq x y z
N ASN A 11 -53.51 5.00 -6.40
CA ASN A 11 -52.45 4.94 -5.32
C ASN A 11 -52.54 6.10 -4.33
N LEU A 12 -52.22 5.81 -3.07
CA LEU A 12 -52.22 6.81 -2.01
C LEU A 12 -51.24 7.93 -2.33
N TYR A 13 -51.48 9.10 -1.76
CA TYR A 13 -50.67 10.26 -2.09
C TYR A 13 -49.17 10.03 -1.91
N PHE A 14 -48.71 9.67 -0.70
CA PHE A 14 -47.27 9.51 -0.43
C PHE A 14 -46.59 8.29 -1.10
N GLN A 15 -47.36 7.32 -1.58
CA GLN A 15 -46.87 6.14 -2.26
C GLN A 15 -46.95 6.34 -3.76
N GLY A 16 -47.37 7.53 -4.21
CA GLY A 16 -47.41 7.86 -5.65
C GLY A 16 -46.04 8.14 -6.27
N SER A 17 -46.02 8.18 -7.61
CA SER A 17 -44.78 8.31 -8.39
C SER A 17 -44.13 9.67 -8.27
N LYS A 18 -44.94 10.66 -7.84
CA LYS A 18 -44.47 12.02 -7.54
C LYS A 18 -43.29 12.01 -6.56
N PHE A 19 -43.24 11.01 -5.71
CA PHE A 19 -42.22 10.96 -4.69
C PHE A 19 -41.09 9.95 -5.00
N SER A 20 -40.96 9.53 -6.26
CA SER A 20 -39.98 8.52 -6.62
C SER A 20 -38.63 9.14 -6.86
N ALA A 21 -37.65 8.25 -6.86
CA ALA A 21 -36.26 8.63 -6.98
C ALA A 21 -36.05 9.36 -8.28
N LYS A 22 -36.63 8.80 -9.33
CA LYS A 22 -36.57 9.36 -10.67
C LYS A 22 -37.08 10.82 -10.78
N ARG A 23 -38.15 11.15 -10.06
CA ARG A 23 -38.71 12.51 -10.10
C ARG A 23 -37.93 13.49 -9.25
N LEU A 24 -36.94 13.04 -8.49
CA LEU A 24 -36.06 13.99 -7.84
C LEU A 24 -35.40 14.85 -8.92
N PRO A 25 -35.19 16.14 -8.62
CA PRO A 25 -34.61 17.02 -9.63
C PRO A 25 -33.27 16.52 -10.18
N SER A 26 -33.16 16.63 -11.51
CA SER A 26 -31.99 16.24 -12.23
C SER A 26 -30.87 17.26 -12.17
N THR A 27 -29.64 16.75 -12.28
CA THR A 27 -28.44 17.52 -12.34
C THR A 27 -27.56 16.96 -13.43
N ARG A 28 -26.63 17.79 -13.91
CA ARG A 28 -25.71 17.35 -14.93
C ARG A 28 -24.87 16.21 -14.37
N LEU A 29 -24.43 16.34 -13.11
CA LEU A 29 -23.60 15.31 -12.46
C LEU A 29 -24.39 14.00 -12.25
N GLY A 30 -25.63 14.13 -11.80
CA GLY A 30 -26.48 12.98 -11.64
C GLY A 30 -26.77 12.27 -12.94
N THR A 31 -27.02 13.02 -14.01
CA THR A 31 -27.32 12.42 -15.28
C THR A 31 -26.08 11.70 -15.78
N PHE A 32 -24.93 12.31 -15.59
CA PHE A 32 -23.67 11.71 -16.05
C PHE A 32 -23.37 10.37 -15.39
N LEU A 33 -23.49 10.32 -14.08
CA LEU A 33 -23.24 9.12 -13.35
C LEU A 33 -24.24 8.04 -13.70
N GLU A 34 -25.52 8.38 -13.79
CA GLU A 34 -26.49 7.33 -14.06
C GLU A 34 -26.37 6.81 -15.49
N ASN A 35 -26.12 7.71 -16.44
CA ASN A 35 -25.93 7.30 -17.83
C ASN A 35 -24.83 6.26 -17.90
N ARG A 36 -23.77 6.48 -17.12
CA ARG A 36 -22.59 5.61 -17.14
C ARG A 36 -22.93 4.29 -16.50
N VAL A 37 -23.58 4.33 -15.34
CA VAL A 37 -24.03 3.10 -14.70
C VAL A 37 -24.98 2.26 -15.60
N ASN A 38 -26.02 2.87 -16.18
CA ASN A 38 -27.01 2.12 -16.99
C ASN A 38 -26.44 1.62 -18.35
N ASP A 39 -25.48 2.35 -18.93
CA ASP A 39 -24.68 1.86 -20.06
C ASP A 39 -23.88 0.61 -19.71
N PHE A 40 -23.16 0.63 -18.60
CA PHE A 40 -22.48 -0.60 -18.12
C PHE A 40 -23.50 -1.71 -17.92
N LEU A 41 -24.64 -1.40 -17.33
CA LEU A 41 -25.68 -2.42 -17.09
C LEU A 41 -26.29 -2.99 -18.37
N ARG A 42 -26.54 -2.17 -19.38
CA ARG A 42 -27.06 -2.68 -20.64
C ARG A 42 -26.04 -3.50 -21.44
N ARG A 43 -24.75 -3.19 -21.35
CA ARG A 43 -23.73 -4.07 -21.93
C ARG A 43 -23.66 -5.46 -21.25
N GLN A 44 -24.08 -5.56 -19.98
CA GLN A 44 -24.07 -6.86 -19.26
C GLN A 44 -25.28 -7.69 -19.68
N ASN A 45 -26.39 -7.02 -19.96
CA ASN A 45 -27.60 -7.66 -20.43
C ASN A 45 -28.09 -8.74 -19.46
N HIS A 46 -28.01 -8.43 -18.18
CA HIS A 46 -28.43 -9.34 -17.13
C HIS A 46 -29.89 -9.09 -16.81
N PRO A 47 -30.72 -10.14 -16.85
CA PRO A 47 -32.16 -10.00 -16.80
C PRO A 47 -32.75 -9.48 -15.48
N GLU A 48 -32.13 -9.78 -14.35
CA GLU A 48 -32.67 -9.30 -13.06
C GLU A 48 -32.24 -7.85 -12.66
N SER A 49 -31.35 -7.21 -13.41
CA SER A 49 -30.94 -5.84 -13.09
C SER A 49 -32.05 -4.84 -13.40
N GLY A 50 -32.13 -3.77 -12.62
CA GLY A 50 -33.16 -2.74 -12.78
C GLY A 50 -32.48 -1.44 -13.17
N GLU A 51 -33.28 -0.48 -13.62
CA GLU A 51 -32.79 0.85 -13.90
C GLU A 51 -32.24 1.61 -12.64
N VAL A 52 -31.05 2.18 -12.78
CA VAL A 52 -30.41 2.95 -11.71
C VAL A 52 -30.63 4.44 -11.96
N THR A 53 -30.87 5.15 -10.87
CA THR A 53 -31.09 6.58 -10.77
C THR A 53 -30.04 7.17 -9.80
N VAL A 54 -29.30 8.17 -10.24
CA VAL A 54 -28.37 8.86 -9.37
C VAL A 54 -28.82 10.32 -9.26
N ARG A 55 -28.90 10.79 -8.04
CA ARG A 55 -29.36 12.13 -7.76
C ARG A 55 -28.47 12.80 -6.76
N VAL A 56 -28.10 14.02 -7.09
CA VAL A 56 -27.44 14.87 -6.16
C VAL A 56 -28.57 15.48 -5.37
N VAL A 57 -28.53 15.31 -4.05
CA VAL A 57 -29.65 15.76 -3.16
C VAL A 57 -29.30 16.89 -2.20
N HIS A 58 -28.02 17.27 -2.14
CA HIS A 58 -27.56 18.44 -1.42
C HIS A 58 -26.34 19.06 -2.13
N ALA A 59 -26.31 20.38 -2.20
CA ALA A 59 -25.10 21.07 -2.62
C ALA A 59 -25.06 22.47 -1.99
N SER A 60 -24.07 22.75 -1.20
CA SER A 60 -23.99 24.04 -0.54
C SER A 60 -22.53 24.48 -0.35
N ASP A 61 -22.32 25.80 -0.41
CA ASP A 61 -21.01 26.39 -0.15
C ASP A 61 -20.73 26.45 1.36
N LYS A 62 -19.49 26.08 1.71
CA LYS A 62 -18.98 25.97 3.07
C LYS A 62 -17.59 26.54 3.09
N THR A 63 -17.00 26.66 4.28
CA THR A 63 -15.55 26.94 4.40
C THR A 63 -15.01 26.07 5.51
N VAL A 64 -13.74 25.69 5.41
CA VAL A 64 -13.05 24.94 6.45
C VAL A 64 -11.96 25.88 6.96
N GLU A 65 -12.10 26.27 8.21
CA GLU A 65 -11.15 27.19 8.81
C GLU A 65 -10.06 26.39 9.48
N VAL A 66 -8.84 26.93 9.43
CA VAL A 66 -7.69 26.27 9.98
C VAL A 66 -7.79 26.30 11.52
N LYS A 67 -7.54 25.16 12.16
CA LYS A 67 -7.67 25.01 13.62
C LYS A 67 -6.53 25.74 14.36
N PRO A 68 -6.74 26.09 15.66
CA PRO A 68 -5.93 27.13 16.32
C PRO A 68 -4.42 26.90 16.32
N GLY A 69 -3.99 25.66 16.50
CA GLY A 69 -2.58 25.31 16.52
C GLY A 69 -1.88 25.54 15.20
N MET A 70 -2.46 25.02 14.13
CA MET A 70 -1.97 25.32 12.78
C MET A 70 -2.14 26.79 12.40
N LYS A 71 -3.19 27.45 12.87
CA LYS A 71 -3.39 28.86 12.59
C LYS A 71 -2.25 29.62 13.23
N ALA A 72 -2.01 29.33 14.52
CA ALA A 72 -0.91 29.95 15.28
C ALA A 72 0.39 29.80 14.51
N ARG A 73 0.79 28.56 14.25
CA ARG A 73 2.04 28.31 13.56
C ARG A 73 2.14 28.96 12.17
N PHE A 74 1.13 28.78 11.31
CA PHE A 74 1.21 29.13 9.87
C PHE A 74 0.35 30.30 9.32
N VAL A 75 -0.85 30.50 9.86
CA VAL A 75 -1.76 31.53 9.32
C VAL A 75 -1.41 32.92 9.78
N ASP A 76 -1.12 33.08 11.07
CA ASP A 76 -0.79 34.42 11.63
C ASP A 76 0.54 34.91 11.09
N SER A 77 1.51 33.99 10.95
CA SER A 77 2.75 34.30 10.24
C SER A 77 2.64 34.57 8.69
N GLY A 78 1.43 34.53 8.10
CA GLY A 78 1.23 34.78 6.68
C GLY A 78 1.58 33.65 5.68
N GLU A 79 1.88 32.45 6.17
CA GLU A 79 2.33 31.33 5.31
C GLU A 79 1.19 30.47 4.70
N MET A 80 -0.04 30.71 5.13
CA MET A 80 -1.17 29.81 4.86
C MET A 80 -2.44 30.60 5.07
N ALA A 81 -3.38 30.44 4.16
CA ALA A 81 -4.71 31.06 4.27
C ALA A 81 -5.44 30.50 5.49
N GLU A 82 -6.32 31.32 6.04
CA GLU A 82 -6.96 30.98 7.28
C GLU A 82 -8.12 30.03 7.07
N SER A 83 -8.72 30.09 5.88
CA SER A 83 -9.83 29.22 5.56
C SER A 83 -9.89 28.91 4.07
N PHE A 84 -10.56 27.80 3.74
CA PHE A 84 -10.67 27.33 2.38
C PHE A 84 -12.12 27.13 2.01
N PRO A 85 -12.59 27.75 0.91
CA PRO A 85 -13.96 27.55 0.52
C PRO A 85 -14.13 26.22 -0.22
N TYR A 86 -15.23 25.51 0.06
CA TYR A 86 -15.58 24.32 -0.73
C TYR A 86 -17.04 24.13 -0.87
N ARG A 87 -17.42 23.35 -1.89
CA ARG A 87 -18.79 22.97 -2.06
C ARG A 87 -18.96 21.51 -1.62
N THR A 88 -19.88 21.26 -0.71
CA THR A 88 -20.22 19.88 -0.31
C THR A 88 -21.39 19.37 -1.15
N LYS A 89 -21.29 18.14 -1.65
CA LYS A 89 -22.42 17.52 -2.34
C LYS A 89 -22.70 16.19 -1.72
N ALA A 90 -23.99 15.88 -1.62
CA ALA A 90 -24.50 14.57 -1.23
C ALA A 90 -25.13 13.93 -2.48
N LEU A 91 -24.73 12.70 -2.77
CA LEU A 91 -25.41 11.99 -3.84
C LEU A 91 -25.76 10.56 -3.45
N PHE A 92 -26.86 10.07 -4.04
CA PHE A 92 -27.39 8.74 -3.77
C PHE A 92 -27.72 8.03 -5.04
N ALA A 93 -27.55 6.71 -5.00
CA ALA A 93 -27.89 5.87 -6.12
C ALA A 93 -29.07 5.06 -5.69
N PHE A 94 -30.03 4.94 -6.60
CA PHE A 94 -31.27 4.19 -6.36
C PHE A 94 -31.41 3.16 -7.47
N GLU A 95 -31.96 1.99 -7.17
CA GLU A 95 -32.30 0.99 -8.19
C GLU A 95 -33.76 0.66 -8.05
N GLU A 96 -34.53 0.64 -9.15
CA GLU A 96 -35.92 0.14 -9.12
C GLU A 96 -35.89 -1.39 -9.10
N ILE A 97 -36.41 -2.00 -8.03
CA ILE A 97 -36.50 -3.46 -7.88
C ILE A 97 -37.98 -3.91 -7.93
N ASP A 98 -38.34 -4.54 -9.05
CA ASP A 98 -39.74 -4.80 -9.48
C ASP A 98 -40.68 -3.69 -9.00
N GLY A 99 -40.50 -2.50 -9.60
CA GLY A 99 -41.35 -1.32 -9.35
C GLY A 99 -41.10 -0.49 -8.10
N VAL A 100 -40.12 -0.85 -7.29
CA VAL A 100 -39.94 -0.23 -5.97
C VAL A 100 -38.54 0.36 -5.89
N ASP A 101 -38.45 1.61 -5.43
CA ASP A 101 -37.19 2.32 -5.34
C ASP A 101 -36.43 1.73 -4.15
N LEU A 102 -35.15 1.41 -4.36
CA LEU A 102 -34.26 1.06 -3.27
C LEU A 102 -33.04 1.95 -3.30
N CYS A 103 -32.83 2.67 -2.21
CA CYS A 103 -31.61 3.40 -1.99
C CYS A 103 -30.50 2.47 -1.55
N PHE A 104 -29.53 2.26 -2.41
CA PHE A 104 -28.45 1.35 -2.10
C PHE A 104 -27.06 1.93 -1.90
N PHE A 105 -26.80 3.16 -2.34
CA PHE A 105 -25.49 3.72 -2.17
C PHE A 105 -25.54 5.23 -1.92
N GLY A 106 -24.58 5.74 -1.14
CA GLY A 106 -24.47 7.17 -0.91
C GLY A 106 -23.06 7.63 -0.65
N MET A 107 -22.81 8.93 -0.75
CA MET A 107 -21.46 9.49 -0.69
C MET A 107 -21.59 11.00 -0.49
N HIS A 108 -20.77 11.54 0.41
CA HIS A 108 -20.62 12.97 0.52
C HIS A 108 -19.23 13.30 0.08
N VAL A 109 -19.13 14.37 -0.69
CA VAL A 109 -17.85 14.84 -1.22
C VAL A 109 -17.64 16.30 -0.92
N GLN A 110 -16.37 16.71 -0.98
CA GLN A 110 -15.98 18.07 -0.73
C GLN A 110 -15.20 18.48 -1.96
N GLU A 111 -15.61 19.56 -2.62
CA GLU A 111 -15.04 20.00 -3.87
C GLU A 111 -14.42 21.39 -3.73
N TYR A 112 -13.08 21.45 -3.84
CA TYR A 112 -12.30 22.70 -3.66
C TYR A 112 -11.91 23.19 -5.04
N GLY A 113 -12.48 24.33 -5.43
CA GLY A 113 -12.45 24.77 -6.81
C GLY A 113 -11.21 25.56 -7.18
N SER A 114 -11.32 26.32 -8.28
CA SER A 114 -10.24 27.13 -8.78
C SER A 114 -10.12 28.48 -8.06
N ASP A 115 -11.20 28.94 -7.46
CA ASP A 115 -11.14 30.14 -6.61
C ASP A 115 -10.79 29.81 -5.15
N CYS A 116 -9.78 28.98 -4.91
CA CYS A 116 -9.44 28.46 -3.59
C CYS A 116 -7.92 28.49 -3.39
N PRO A 117 -7.45 28.90 -2.21
CA PRO A 117 -6.02 28.97 -2.02
C PRO A 117 -5.30 27.62 -1.93
N PRO A 118 -3.99 27.61 -2.24
CA PRO A 118 -3.22 26.40 -1.96
C PRO A 118 -3.16 26.17 -0.46
N PRO A 119 -2.98 24.94 -0.02
CA PRO A 119 -2.69 23.80 -0.87
C PRO A 119 -3.95 23.04 -1.37
N ASN A 120 -5.15 23.63 -1.25
CA ASN A 120 -6.43 22.92 -1.49
C ASN A 120 -6.99 23.07 -2.91
N GLN A 121 -6.32 23.85 -3.75
CA GLN A 121 -6.85 24.25 -5.04
C GLN A 121 -7.13 23.08 -6.03
N ARG A 122 -8.33 23.03 -6.63
CA ARG A 122 -8.69 22.03 -7.66
C ARG A 122 -8.66 20.56 -7.16
N ARG A 123 -9.21 20.33 -5.97
CA ARG A 123 -9.17 19.02 -5.34
C ARG A 123 -10.54 18.57 -4.97
N VAL A 124 -10.80 17.27 -5.05
CA VAL A 124 -11.98 16.68 -4.45
C VAL A 124 -11.59 15.66 -3.39
N TYR A 125 -12.41 15.58 -2.36
CA TYR A 125 -12.18 14.72 -1.21
C TYR A 125 -13.47 13.95 -1.02
N ILE A 126 -13.40 12.63 -0.92
CA ILE A 126 -14.59 11.84 -0.58
C ILE A 126 -14.71 11.76 0.93
N SER A 127 -15.59 12.54 1.55
CA SER A 127 -15.68 12.55 3.02
C SER A 127 -16.15 11.18 3.58
N TYR A 128 -17.14 10.61 2.90
CA TYR A 128 -17.95 9.52 3.42
C TYR A 128 -18.62 8.85 2.25
N LEU A 129 -18.65 7.53 2.28
CA LEU A 129 -19.27 6.69 1.27
C LEU A 129 -19.88 5.48 2.02
N ASP A 130 -21.01 4.98 1.58
CA ASP A 130 -21.65 3.88 2.31
C ASP A 130 -22.62 3.21 1.34
N SER A 131 -22.97 1.98 1.67
CA SER A 131 -23.89 1.23 0.88
C SER A 131 -24.63 0.18 1.67
N VAL A 132 -25.64 -0.34 1.01
CA VAL A 132 -26.46 -1.39 1.56
C VAL A 132 -26.73 -2.42 0.44
N HIS A 133 -26.46 -3.69 0.77
CA HIS A 133 -26.07 -4.70 -0.18
C HIS A 133 -27.17 -5.44 -0.89
N PHE A 134 -28.28 -4.75 -1.16
CA PHE A 134 -29.43 -5.33 -1.84
C PHE A 134 -29.43 -5.13 -3.36
N PHE A 135 -28.36 -4.59 -3.91
CA PHE A 135 -28.33 -4.44 -5.36
C PHE A 135 -28.59 -5.78 -6.09
N ARG A 136 -29.44 -5.75 -7.11
CA ARG A 136 -29.82 -6.93 -7.88
C ARG A 136 -29.31 -6.76 -9.31
N PRO A 137 -28.58 -7.69 -9.91
CA PRO A 137 -28.07 -8.89 -9.31
C PRO A 137 -26.82 -8.61 -8.49
N LYS A 138 -26.63 -9.41 -7.48
CA LYS A 138 -25.56 -9.22 -6.51
C LYS A 138 -24.19 -9.34 -7.14
N CYS A 139 -24.10 -10.08 -8.24
CA CYS A 139 -22.84 -10.25 -8.98
C CYS A 139 -22.38 -9.01 -9.75
N LEU A 140 -23.21 -7.98 -9.86
CA LEU A 140 -22.80 -6.72 -10.47
C LEU A 140 -22.73 -5.57 -9.45
N ARG A 141 -22.91 -5.87 -8.16
CA ARG A 141 -22.89 -4.88 -7.09
C ARG A 141 -21.57 -4.06 -7.04
N THR A 142 -20.48 -4.76 -6.78
CA THR A 142 -19.18 -4.14 -6.75
C THR A 142 -18.89 -3.35 -8.03
N ALA A 143 -19.18 -3.93 -9.19
CA ALA A 143 -18.91 -3.27 -10.46
C ALA A 143 -19.65 -1.92 -10.60
N VAL A 144 -20.89 -1.86 -10.14
CA VAL A 144 -21.70 -0.65 -10.13
C VAL A 144 -21.16 0.43 -9.17
N TYR A 145 -20.79 0.05 -7.94
CA TYR A 145 -20.12 0.99 -7.03
C TYR A 145 -18.89 1.58 -7.70
N HIS A 146 -18.13 0.73 -8.39
CA HIS A 146 -16.94 1.22 -9.10
C HIS A 146 -17.33 2.14 -10.25
N GLU A 147 -18.37 1.82 -11.02
CA GLU A 147 -18.79 2.71 -12.11
C GLU A 147 -19.16 4.09 -11.61
N ILE A 148 -19.81 4.16 -10.43
CA ILE A 148 -20.21 5.43 -9.84
C ILE A 148 -18.98 6.25 -9.45
N LEU A 149 -18.07 5.63 -8.71
CA LEU A 149 -16.86 6.29 -8.30
C LEU A 149 -16.05 6.76 -9.48
N ILE A 150 -15.85 5.88 -10.45
CA ILE A 150 -15.07 6.24 -11.64
C ILE A 150 -15.71 7.42 -12.42
N GLY A 151 -17.01 7.36 -12.64
CA GLY A 151 -17.74 8.43 -13.26
C GLY A 151 -17.61 9.73 -12.47
N TYR A 152 -17.63 9.65 -11.16
CA TYR A 152 -17.49 10.87 -10.36
C TYR A 152 -16.14 11.54 -10.67
N LEU A 153 -15.12 10.70 -10.65
CA LEU A 153 -13.75 11.16 -10.95
C LEU A 153 -13.62 11.69 -12.39
N GLU A 154 -14.22 11.02 -13.33
CA GLU A 154 -14.21 11.50 -14.71
C GLU A 154 -14.94 12.88 -14.82
N TYR A 155 -16.10 13.00 -14.18
CA TYR A 155 -16.91 14.18 -14.31
C TYR A 155 -16.14 15.40 -13.76
N VAL A 156 -15.59 15.27 -12.56
CA VAL A 156 -14.83 16.37 -11.95
C VAL A 156 -13.50 16.64 -12.64
N LYS A 157 -12.87 15.64 -13.23
CA LYS A 157 -11.71 15.86 -14.11
C LYS A 157 -12.12 16.80 -15.21
N LYS A 158 -13.19 16.48 -15.90
CA LYS A 158 -13.67 17.31 -17.02
C LYS A 158 -13.99 18.76 -16.65
N LEU A 159 -14.47 19.02 -15.44
CA LEU A 159 -14.64 20.40 -15.01
C LEU A 159 -13.34 21.12 -14.75
N GLY A 160 -12.28 20.38 -14.43
CA GLY A 160 -10.96 20.94 -14.19
C GLY A 160 -10.37 20.70 -12.81
N TYR A 161 -10.99 19.84 -12.01
CA TYR A 161 -10.32 19.34 -10.81
C TYR A 161 -9.12 18.43 -11.16
N THR A 162 -8.00 18.66 -10.52
CA THR A 162 -6.76 18.00 -10.90
C THR A 162 -6.43 16.82 -10.03
N THR A 163 -6.78 16.88 -8.75
CA THR A 163 -6.44 15.81 -7.80
C THR A 163 -7.68 15.38 -6.97
N GLY A 164 -7.75 14.09 -6.65
CA GLY A 164 -8.72 13.52 -5.73
C GLY A 164 -8.08 12.85 -4.54
N HIS A 165 -8.84 12.70 -3.47
CA HIS A 165 -8.32 12.24 -2.20
C HIS A 165 -9.32 11.28 -1.57
N ILE A 166 -8.86 10.07 -1.28
CA ILE A 166 -9.71 9.08 -0.68
C ILE A 166 -9.02 8.59 0.57
N TRP A 167 -9.80 8.48 1.65
CA TRP A 167 -9.42 7.90 2.92
C TRP A 167 -10.19 6.56 3.00
N ALA A 168 -9.47 5.44 3.08
CA ALA A 168 -10.06 4.12 3.20
C ALA A 168 -10.05 3.64 4.65
N CYS A 169 -10.94 4.19 5.44
CA CYS A 169 -11.17 3.76 6.80
C CYS A 169 -12.55 3.07 6.88
N PRO A 170 -12.59 1.76 7.14
CA PRO A 170 -13.92 1.19 7.40
C PRO A 170 -14.47 1.69 8.73
N PRO A 171 -15.81 1.75 8.89
CA PRO A 171 -16.41 2.11 10.19
C PRO A 171 -16.06 1.11 11.31
N SER A 172 -15.79 1.60 12.51
CA SER A 172 -15.58 0.72 13.67
C SER A 172 -16.88 -0.05 13.98
N GLU A 173 -16.73 -1.29 14.48
CA GLU A 173 -17.85 -2.26 14.63
C GLU A 173 -19.11 -1.66 15.26
N GLY A 174 -20.21 -1.67 14.50
CA GLY A 174 -21.48 -1.10 14.97
C GLY A 174 -21.83 0.32 14.54
N ASP A 175 -20.86 1.10 14.05
CA ASP A 175 -21.11 2.46 13.59
C ASP A 175 -21.52 2.41 12.11
N ASP A 176 -22.40 3.35 11.74
CA ASP A 176 -22.92 3.52 10.37
C ASP A 176 -22.48 4.88 9.89
N TYR A 177 -22.07 4.91 8.62
CA TYR A 177 -21.54 6.13 8.02
C TYR A 177 -22.64 6.99 7.49
N ILE A 178 -23.55 6.39 6.73
CA ILE A 178 -24.72 7.08 6.19
C ILE A 178 -26.08 6.41 6.49
N PHE A 179 -26.15 5.11 6.30
CA PHE A 179 -27.40 4.38 6.40
C PHE A 179 -27.53 3.78 7.78
N HIS A 180 -28.53 4.21 8.52
CA HIS A 180 -28.83 3.65 9.84
C HIS A 180 -29.28 2.18 9.75
N CYS A 181 -28.48 1.34 10.39
CA CYS A 181 -28.79 -0.04 10.70
C CYS A 181 -28.62 -0.92 9.47
N HIS A 182 -27.37 -1.27 9.24
CA HIS A 182 -27.03 -2.17 8.15
C HIS A 182 -27.57 -3.56 8.40
N PRO A 183 -27.70 -4.37 7.35
CA PRO A 183 -28.09 -5.74 7.58
C PRO A 183 -27.00 -6.45 8.37
N PRO A 184 -27.37 -7.22 9.43
CA PRO A 184 -26.37 -7.94 10.19
C PRO A 184 -25.53 -8.92 9.39
N ASP A 185 -26.04 -9.38 8.25
CA ASP A 185 -25.20 -10.23 7.38
C ASP A 185 -24.32 -9.46 6.35
N GLN A 186 -24.35 -8.10 6.37
CA GLN A 186 -23.42 -7.30 5.53
C GLN A 186 -22.10 -7.16 6.26
N LYS A 187 -21.11 -7.90 5.77
CA LYS A 187 -19.78 -7.89 6.36
C LYS A 187 -19.16 -6.53 6.13
N ILE A 188 -18.38 -6.08 7.11
CA ILE A 188 -17.60 -4.85 7.03
C ILE A 188 -16.20 -5.26 6.64
N PRO A 189 -15.64 -4.67 5.58
CA PRO A 189 -14.30 -5.11 5.20
C PRO A 189 -13.26 -4.59 6.21
N LYS A 190 -12.20 -5.37 6.39
CA LYS A 190 -11.04 -4.94 7.16
C LYS A 190 -10.26 -3.97 6.27
N PRO A 191 -9.42 -3.14 6.87
CA PRO A 191 -8.67 -2.13 6.12
C PRO A 191 -7.99 -2.65 4.85
N LYS A 192 -7.40 -3.83 4.90
CA LYS A 192 -6.71 -4.39 3.74
C LYS A 192 -7.65 -4.64 2.59
N ARG A 193 -8.74 -5.33 2.86
CA ARG A 193 -9.73 -5.60 1.82
C ARG A 193 -10.26 -4.28 1.20
N LEU A 194 -10.45 -3.23 2.01
CA LEU A 194 -10.94 -1.92 1.50
C LEU A 194 -9.91 -1.17 0.69
N GLN A 195 -8.64 -1.31 1.06
CA GLN A 195 -7.55 -0.69 0.33
C GLN A 195 -7.44 -1.33 -1.04
N GLU A 196 -7.53 -2.65 -1.10
CA GLU A 196 -7.55 -3.34 -2.38
C GLU A 196 -8.76 -2.98 -3.24
N TRP A 197 -9.93 -2.86 -2.63
CA TRP A 197 -11.16 -2.47 -3.33
C TRP A 197 -10.99 -1.11 -4.05
N PHE A 198 -10.38 -0.15 -3.36
CA PHE A 198 -10.10 1.15 -3.96
C PHE A 198 -9.04 1.07 -5.07
N LYS A 199 -8.05 0.19 -4.87
CA LYS A 199 -7.01 -0.04 -5.90
C LYS A 199 -7.60 -0.55 -7.19
N LYS A 200 -8.48 -1.54 -7.07
CA LYS A 200 -9.18 -2.13 -8.22
C LYS A 200 -9.99 -1.06 -9.01
N MET A 201 -10.57 -0.12 -8.27
CA MET A 201 -11.41 0.89 -8.89
C MET A 201 -10.52 1.85 -9.62
N LEU A 202 -9.52 2.37 -8.91
CA LEU A 202 -8.57 3.23 -9.48
C LEU A 202 -7.82 2.62 -10.71
N ASP A 203 -7.41 1.34 -10.63
CA ASP A 203 -6.76 0.70 -11.80
C ASP A 203 -7.66 0.67 -13.01
N LYS A 204 -8.95 0.50 -12.81
CA LYS A 204 -9.92 0.60 -13.91
C LYS A 204 -10.05 2.02 -14.49
N ALA A 205 -10.09 3.01 -13.58
CA ALA A 205 -10.07 4.42 -13.96
C ALA A 205 -8.76 4.81 -14.68
N VAL A 206 -7.65 4.22 -14.25
CA VAL A 206 -6.36 4.40 -14.93
C VAL A 206 -6.40 3.83 -16.35
N SER A 207 -6.99 2.66 -16.52
CA SER A 207 -7.06 2.01 -17.86
C SER A 207 -7.93 2.73 -18.88
N GLU A 208 -8.93 3.46 -18.39
CA GLU A 208 -9.78 4.34 -19.19
C GLU A 208 -9.17 5.67 -19.46
N ARG A 209 -7.96 5.92 -18.96
CA ARG A 209 -7.28 7.22 -19.08
C ARG A 209 -8.07 8.34 -18.39
N ILE A 210 -8.79 8.02 -17.31
CA ILE A 210 -9.48 9.02 -16.53
C ILE A 210 -8.51 9.52 -15.49
N VAL A 211 -7.97 8.60 -14.70
CA VAL A 211 -6.92 8.83 -13.73
C VAL A 211 -5.59 8.65 -14.45
N HIS A 212 -4.67 9.61 -14.27
CA HIS A 212 -3.34 9.50 -14.82
C HIS A 212 -2.51 8.47 -14.03
N ASP A 213 -2.56 8.61 -12.71
CA ASP A 213 -1.98 7.68 -11.75
C ASP A 213 -2.32 8.11 -10.32
N TYR A 214 -2.04 7.23 -9.38
CA TYR A 214 -2.24 7.52 -7.97
C TYR A 214 -1.10 6.99 -7.16
N LYS A 215 -0.96 7.52 -5.96
CA LYS A 215 0.10 7.10 -5.07
C LYS A 215 -0.41 7.23 -3.66
N ASP A 216 0.05 6.37 -2.77
CA ASP A 216 -0.11 6.62 -1.38
C ASP A 216 0.55 7.95 -0.97
N ILE A 217 0.08 8.52 0.14
CA ILE A 217 0.56 9.82 0.62
C ILE A 217 2.06 9.92 0.89
N PHE A 218 2.70 8.81 1.28
CA PHE A 218 4.14 8.80 1.61
C PHE A 218 4.97 8.89 0.31
N LYS A 219 4.71 8.03 -0.65
CA LYS A 219 5.28 8.17 -1.98
C LYS A 219 5.10 9.56 -2.55
N GLN A 220 3.88 10.09 -2.47
CA GLN A 220 3.55 11.38 -3.06
C GLN A 220 4.31 12.52 -2.40
N ALA A 221 4.33 12.52 -1.07
CA ALA A 221 5.11 13.51 -0.31
C ALA A 221 6.59 13.43 -0.66
N THR A 222 7.17 12.23 -0.69
CA THR A 222 8.56 12.06 -1.08
C THR A 222 8.78 12.71 -2.44
N GLU A 223 7.97 12.30 -3.44
CA GLU A 223 8.09 12.74 -4.85
C GLU A 223 7.92 14.25 -4.97
N ASP A 224 7.05 14.83 -4.12
CA ASP A 224 6.84 16.27 -4.07
C ASP A 224 7.91 17.02 -3.26
N ARG A 225 8.79 16.31 -2.57
CA ARG A 225 9.83 16.88 -1.66
C ARG A 225 9.23 17.89 -0.68
N LEU A 226 8.13 17.45 -0.06
CA LEU A 226 7.35 18.24 0.87
C LEU A 226 8.18 18.39 2.14
N THR A 227 8.13 19.59 2.71
CA THR A 227 8.91 19.94 3.88
C THR A 227 8.06 20.47 5.05
N SER A 228 6.96 21.17 4.77
CA SER A 228 6.12 21.77 5.81
C SER A 228 4.71 21.25 5.79
N ALA A 229 4.09 21.30 6.97
CA ALA A 229 2.76 20.78 7.17
C ALA A 229 1.72 21.62 6.44
N LYS A 230 2.05 22.90 6.21
CA LYS A 230 1.21 23.84 5.43
C LYS A 230 0.98 23.43 3.97
N GLU A 231 1.85 22.57 3.44
CA GLU A 231 1.70 21.96 2.12
C GLU A 231 0.63 20.86 2.05
N LEU A 232 0.16 20.34 3.19
CA LEU A 232 -0.90 19.33 3.17
C LEU A 232 -2.28 19.94 2.97
N PRO A 233 -3.10 19.28 2.10
CA PRO A 233 -4.48 19.66 1.89
C PRO A 233 -5.26 19.59 3.21
N TYR A 234 -6.08 20.60 3.45
CA TYR A 234 -6.74 20.82 4.68
C TYR A 234 -8.23 20.71 4.42
N PHE A 235 -8.80 19.58 4.83
CA PHE A 235 -10.17 19.21 4.54
C PHE A 235 -11.04 19.15 5.82
N GLU A 236 -12.34 19.38 5.65
CA GLU A 236 -13.30 19.38 6.76
C GLU A 236 -13.47 17.94 7.23
N GLY A 237 -13.21 17.72 8.53
CA GLY A 237 -13.51 16.45 9.22
C GLY A 237 -12.52 15.34 8.98
N ASP A 238 -11.44 15.63 8.27
CA ASP A 238 -10.41 14.66 7.87
C ASP A 238 -9.46 14.32 9.04
N PHE A 239 -8.84 13.17 8.97
CA PHE A 239 -7.80 12.72 9.93
C PHE A 239 -6.71 13.78 10.17
N TRP A 240 -6.18 14.28 9.06
CA TRP A 240 -4.91 15.01 9.07
C TRP A 240 -4.88 16.33 9.80
N PRO A 241 -5.94 17.15 9.72
CA PRO A 241 -6.01 18.32 10.59
C PRO A 241 -6.06 18.00 12.12
N ASN A 242 -6.65 16.87 12.52
CA ASN A 242 -6.62 16.47 13.94
C ASN A 242 -5.25 15.99 14.36
N VAL A 243 -4.59 15.22 13.52
CA VAL A 243 -3.23 14.77 13.83
C VAL A 243 -2.24 15.94 14.02
N LEU A 244 -2.37 17.00 13.21
CA LEU A 244 -1.49 18.16 13.34
C LEU A 244 -1.77 18.99 14.60
N GLU A 245 -3.02 19.15 14.98
CA GLU A 245 -3.38 19.79 16.25
C GLU A 245 -2.86 18.99 17.43
N GLU A 246 -2.93 17.65 17.33
CA GLU A 246 -2.33 16.73 18.31
C GLU A 246 -0.80 16.92 18.37
N SER A 247 -0.12 16.90 17.21
CA SER A 247 1.35 17.12 17.17
C SER A 247 1.78 18.49 17.70
N ILE A 248 0.93 19.51 17.54
CA ILE A 248 1.31 20.88 17.91
C ILE A 248 1.14 21.12 19.41
N LYS A 249 -0.01 20.69 19.96
CA LYS A 249 -0.33 20.88 21.39
C LYS A 249 0.67 20.23 22.34
N GLU A 250 1.33 19.14 21.92
CA GLU A 250 2.33 18.39 22.72
C GLU A 250 3.80 18.71 22.41
N SER A 251 4.04 19.43 21.31
CA SER A 251 5.40 19.83 20.82
C SER A 251 5.24 20.98 19.82
N SER A 256 9.34 17.80 10.39
CA SER A 256 9.35 16.88 9.26
C SER A 256 9.70 15.44 9.60
N GLN A 257 10.56 15.20 10.59
CA GLN A 257 10.81 13.83 11.08
C GLN A 257 9.48 13.16 11.51
N LYS A 258 8.72 13.80 12.40
CA LYS A 258 7.44 13.25 12.85
C LYS A 258 6.33 13.24 11.77
N LEU A 259 6.42 14.06 10.71
CA LEU A 259 5.36 14.10 9.68
C LEU A 259 5.45 12.92 8.73
N TYR A 260 6.62 12.78 8.12
CA TYR A 260 6.89 11.66 7.22
C TYR A 260 6.67 10.33 7.95
N ALA A 261 7.14 10.24 9.19
CA ALA A 261 6.94 9.03 10.01
C ALA A 261 5.47 8.66 10.12
N THR A 262 4.61 9.67 10.30
CA THR A 262 3.15 9.49 10.43
C THR A 262 2.52 9.15 9.08
N MET A 263 2.96 9.82 8.01
CA MET A 263 2.51 9.47 6.67
C MET A 263 2.87 8.05 6.26
N GLU A 264 4.13 7.66 6.43
CA GLU A 264 4.59 6.28 6.13
C GLU A 264 3.68 5.26 6.82
N LYS A 265 3.49 5.46 8.12
CA LYS A 265 2.68 4.62 8.99
C LYS A 265 1.24 4.37 8.50
N HIS A 266 0.56 5.43 8.06
CA HIS A 266 -0.80 5.35 7.52
C HIS A 266 -0.93 5.39 5.99
N LYS A 267 0.17 5.19 5.26
CA LYS A 267 0.19 5.45 3.82
C LYS A 267 -0.77 4.55 2.99
N GLU A 268 -0.97 3.31 3.41
CA GLU A 268 -1.90 2.41 2.75
C GLU A 268 -3.33 2.92 2.74
N VAL A 269 -3.66 3.74 3.73
CA VAL A 269 -5.04 4.19 3.98
C VAL A 269 -5.41 5.46 3.17
N PHE A 270 -4.42 6.19 2.65
CA PHE A 270 -4.68 7.49 2.01
C PHE A 270 -4.15 7.54 0.58
N PHE A 271 -5.07 7.73 -0.37
CA PHE A 271 -4.74 7.74 -1.79
C PHE A 271 -4.83 9.14 -2.30
N VAL A 272 -3.81 9.55 -3.05
CA VAL A 272 -3.77 10.79 -3.81
C VAL A 272 -3.88 10.46 -5.29
N ILE A 273 -4.94 10.97 -5.92
CA ILE A 273 -5.36 10.52 -7.24
C ILE A 273 -5.16 11.64 -8.21
N ARG A 274 -4.26 11.44 -9.15
CA ARG A 274 -3.91 12.49 -10.08
C ARG A 274 -4.77 12.32 -11.35
N LEU A 275 -5.54 13.35 -11.63
CA LEU A 275 -6.54 13.37 -12.66
C LEU A 275 -6.06 14.07 -13.91
N ILE A 276 -5.40 15.20 -13.70
CA ILE A 276 -4.79 15.98 -14.74
C ILE A 276 -3.34 16.18 -14.35
N ALA A 277 -2.43 15.87 -15.26
CA ALA A 277 -1.01 15.78 -14.92
C ALA A 277 -0.16 16.95 -15.40
N GLY A 278 0.87 17.27 -14.61
CA GLY A 278 1.99 18.10 -15.02
C GLY A 278 1.62 19.36 -15.79
N PRO A 279 2.07 19.46 -17.06
CA PRO A 279 2.03 20.73 -17.82
C PRO A 279 0.61 21.27 -18.10
N ALA A 280 -0.31 20.34 -18.36
CA ALA A 280 -1.74 20.62 -18.62
C ALA A 280 -2.42 21.32 -17.43
N ALA A 281 -2.02 20.93 -16.22
CA ALA A 281 -2.62 21.44 -14.99
C ALA A 281 -2.28 22.88 -14.66
N ASN A 282 -1.45 23.55 -15.45
CA ASN A 282 -1.16 24.99 -15.26
C ASN A 282 -1.98 25.91 -16.17
N SER A 283 -2.30 25.44 -17.37
CA SER A 283 -3.08 26.19 -18.36
C SER A 283 -4.60 26.16 -18.14
N LEU A 284 -5.08 25.56 -17.04
CA LEU A 284 -6.50 25.28 -16.93
C LEU A 284 -7.37 26.53 -16.80
N PRO A 285 -8.49 26.58 -17.51
CA PRO A 285 -9.44 27.68 -17.32
C PRO A 285 -10.19 27.55 -15.99
N PRO A 286 -10.86 28.62 -15.53
CA PRO A 286 -11.53 28.48 -14.22
C PRO A 286 -12.62 27.43 -14.24
N ILE A 287 -12.76 26.72 -13.13
CA ILE A 287 -13.78 25.71 -12.94
C ILE A 287 -15.14 26.38 -12.85
N VAL A 288 -16.04 26.02 -13.77
CA VAL A 288 -17.45 26.46 -13.76
C VAL A 288 -18.35 25.22 -13.54
N ASP A 289 -19.02 25.17 -12.39
CA ASP A 289 -19.91 24.06 -12.02
C ASP A 289 -21.28 24.37 -12.62
N PRO A 290 -21.77 23.56 -13.58
CA PRO A 290 -23.01 23.96 -14.22
C PRO A 290 -24.29 23.59 -13.43
N ASP A 291 -24.15 22.93 -12.28
CA ASP A 291 -25.30 22.60 -11.43
C ASP A 291 -25.51 23.64 -10.37
N PRO A 292 -26.77 23.87 -10.00
CA PRO A 292 -27.05 24.83 -8.96
C PRO A 292 -26.77 24.32 -7.60
N LEU A 293 -26.77 25.24 -6.64
CA LEU A 293 -26.88 24.91 -5.23
C LEU A 293 -28.23 24.22 -4.95
N ILE A 294 -28.27 23.31 -3.99
CA ILE A 294 -29.45 22.48 -3.71
C ILE A 294 -29.55 22.45 -2.18
N PRO A 295 -30.22 23.45 -1.58
CA PRO A 295 -30.31 23.46 -0.14
C PRO A 295 -31.19 22.27 0.31
N CYS A 296 -30.73 21.55 1.32
CA CYS A 296 -31.43 20.42 1.88
C CYS A 296 -30.74 20.10 3.15
N ASP A 297 -31.29 20.59 4.27
CA ASP A 297 -30.70 20.40 5.60
C ASP A 297 -30.54 18.93 5.98
N LEU A 298 -31.50 18.12 5.53
CA LEU A 298 -31.43 16.70 5.79
C LEU A 298 -30.12 16.08 5.33
N MET A 299 -29.59 16.57 4.22
CA MET A 299 -28.41 15.99 3.61
C MET A 299 -27.13 16.83 3.69
N ASP A 300 -27.10 17.79 4.62
CA ASP A 300 -25.92 18.58 4.92
C ASP A 300 -24.99 17.83 5.89
N GLY A 301 -24.06 17.07 5.33
CA GLY A 301 -23.35 16.06 6.09
C GLY A 301 -24.25 14.90 6.45
N ARG A 302 -23.64 13.94 7.15
CA ARG A 302 -24.18 12.61 7.42
C ARG A 302 -25.03 12.54 8.67
N ASP A 303 -24.97 13.56 9.52
CA ASP A 303 -25.57 13.46 10.86
C ASP A 303 -27.08 13.49 10.83
N ALA A 304 -27.60 14.49 10.12
CA ALA A 304 -29.01 14.78 10.05
C ALA A 304 -29.82 13.56 9.65
N PHE A 305 -29.38 12.85 8.62
CA PHE A 305 -30.08 11.65 8.16
C PHE A 305 -29.95 10.44 9.09
N LEU A 306 -28.80 10.27 9.73
CA LEU A 306 -28.65 9.24 10.74
C LEU A 306 -29.57 9.53 11.92
N THR A 307 -29.52 10.77 12.40
CA THR A 307 -30.43 11.23 13.45
C THR A 307 -31.90 10.95 13.14
N LEU A 308 -32.42 11.41 12.00
CA LEU A 308 -33.81 11.11 11.63
C LEU A 308 -34.10 9.61 11.59
N ALA A 309 -33.20 8.83 11.03
CA ALA A 309 -33.52 7.42 10.81
C ALA A 309 -33.51 6.65 12.14
N ARG A 310 -32.57 7.01 13.04
CA ARG A 310 -32.55 6.51 14.42
C ARG A 310 -33.89 6.82 15.11
N ASP A 311 -34.27 8.09 15.11
CA ASP A 311 -35.48 8.53 15.79
C ASP A 311 -36.78 7.90 15.22
N LYS A 312 -37.01 8.00 13.90
CA LYS A 312 -38.21 7.44 13.23
C LYS A 312 -38.14 5.93 12.89
N HIS A 313 -37.06 5.25 13.25
CA HIS A 313 -36.85 3.80 13.05
C HIS A 313 -36.82 3.36 11.62
N LEU A 314 -36.00 4.06 10.82
CA LEU A 314 -35.90 3.82 9.41
C LEU A 314 -34.64 3.01 9.15
N GLU A 315 -34.73 1.70 9.36
CA GLU A 315 -33.56 0.85 9.22
C GLU A 315 -33.37 0.44 7.78
N PHE A 316 -32.13 0.07 7.47
CA PHE A 316 -31.78 -0.48 6.16
C PHE A 316 -31.31 -1.91 6.25
N SER A 317 -31.88 -2.63 7.20
CA SER A 317 -31.35 -3.89 7.73
C SER A 317 -31.91 -5.13 7.01
N SER A 318 -32.92 -4.93 6.18
CA SER A 318 -33.43 -5.96 5.28
C SER A 318 -33.94 -5.25 4.03
N LEU A 319 -34.08 -5.99 2.93
CA LEU A 319 -34.62 -5.40 1.71
C LEU A 319 -35.88 -4.60 2.00
N ARG A 320 -36.82 -5.23 2.73
CA ARG A 320 -38.13 -4.60 2.91
C ARG A 320 -38.08 -3.45 3.85
N ARG A 321 -37.27 -3.51 4.90
CA ARG A 321 -37.07 -2.30 5.76
C ARG A 321 -36.41 -1.20 4.93
N ALA A 322 -35.43 -1.60 4.10
CA ALA A 322 -34.68 -0.63 3.27
C ALA A 322 -35.58 0.16 2.27
N GLN A 323 -36.51 -0.53 1.63
CA GLN A 323 -37.52 0.07 0.74
C GLN A 323 -38.50 1.02 1.44
N TRP A 324 -38.95 0.66 2.64
CA TRP A 324 -39.80 1.57 3.41
C TRP A 324 -38.98 2.81 3.82
N SER A 325 -37.81 2.56 4.40
CA SER A 325 -36.85 3.59 4.72
C SER A 325 -36.49 4.50 3.53
N THR A 326 -36.35 3.92 2.35
CA THR A 326 -36.08 4.66 1.13
C THR A 326 -37.23 5.56 0.75
N MET A 327 -38.43 5.01 0.74
CA MET A 327 -39.63 5.80 0.47
C MET A 327 -39.79 7.04 1.42
N CYS A 328 -39.52 6.87 2.72
CA CYS A 328 -39.66 7.95 3.66
C CYS A 328 -38.61 8.99 3.38
N MET A 329 -37.38 8.53 3.11
CA MET A 329 -36.26 9.37 2.72
C MET A 329 -36.65 10.23 1.52
N LEU A 330 -37.24 9.60 0.52
CA LEU A 330 -37.60 10.28 -0.72
C LEU A 330 -38.66 11.35 -0.60
N VAL A 331 -39.69 11.03 0.16
CA VAL A 331 -40.77 11.97 0.48
C VAL A 331 -40.22 13.24 1.11
N GLU A 332 -39.29 13.04 2.04
CA GLU A 332 -38.65 14.07 2.78
C GLU A 332 -37.78 14.96 1.82
N LEU A 333 -37.00 14.35 0.94
CA LEU A 333 -36.21 15.09 -0.05
C LEU A 333 -37.09 15.85 -1.02
N HIS A 334 -38.19 15.22 -1.46
CA HIS A 334 -39.12 15.92 -2.34
C HIS A 334 -39.73 17.12 -1.62
N THR A 335 -39.94 17.02 -0.30
CA THR A 335 -40.70 18.04 0.42
C THR A 335 -39.92 19.11 1.21
N GLN A 336 -38.63 18.92 1.45
CA GLN A 336 -37.79 19.88 2.16
C GLN A 336 -36.72 20.38 1.21
N ASN B 11 -1.13 -26.99 28.33
CA ASN B 11 -0.62 -25.78 27.62
C ASN B 11 -1.74 -24.74 27.43
N LEU B 12 -1.42 -23.46 27.61
CA LEU B 12 -2.35 -22.40 27.21
C LEU B 12 -2.38 -22.32 25.67
N TYR B 13 -3.59 -22.18 25.15
CA TYR B 13 -3.89 -22.16 23.70
C TYR B 13 -2.92 -21.40 22.80
N PHE B 14 -2.54 -20.20 23.27
CA PHE B 14 -1.57 -19.33 22.58
C PHE B 14 -0.14 -19.92 22.47
N GLN B 15 0.21 -20.82 23.40
CA GLN B 15 1.48 -21.56 23.42
C GLN B 15 1.37 -22.99 22.82
N GLY B 16 0.26 -23.30 22.14
CA GLY B 16 0.05 -24.61 21.53
C GLY B 16 0.86 -24.73 20.26
N SER B 17 1.12 -25.97 19.84
CA SER B 17 1.84 -26.27 18.57
C SER B 17 1.22 -25.56 17.35
N LYS B 18 -0.06 -25.26 17.43
CA LYS B 18 -0.79 -24.58 16.38
C LYS B 18 -0.22 -23.20 16.02
N PHE B 19 0.40 -22.52 16.97
CA PHE B 19 1.05 -21.24 16.69
C PHE B 19 2.58 -21.33 16.58
N SER B 20 3.13 -22.53 16.45
CA SER B 20 4.57 -22.70 16.28
C SER B 20 5.02 -22.24 14.90
N ALA B 21 6.31 -21.92 14.79
CA ALA B 21 6.98 -21.68 13.51
C ALA B 21 6.82 -22.89 12.58
N LYS B 22 7.02 -24.08 13.13
CA LYS B 22 6.88 -25.30 12.36
C LYS B 22 5.53 -25.41 11.62
N ARG B 23 4.44 -24.91 12.20
CA ARG B 23 3.16 -25.04 11.55
C ARG B 23 2.86 -23.91 10.57
N LEU B 24 3.69 -22.88 10.49
CA LEU B 24 3.54 -21.93 9.38
C LEU B 24 3.54 -22.69 8.07
N PRO B 25 2.72 -22.23 7.09
CA PRO B 25 2.64 -22.85 5.75
C PRO B 25 4.01 -23.02 5.04
N SER B 26 4.22 -24.16 4.41
CA SER B 26 5.45 -24.47 3.70
C SER B 26 5.56 -23.82 2.32
N THR B 27 6.80 -23.67 1.91
CA THR B 27 7.15 -23.31 0.55
C THR B 27 8.35 -24.18 0.18
N ARG B 28 8.61 -24.33 -1.10
CA ARG B 28 9.83 -25.04 -1.54
C ARG B 28 11.10 -24.27 -1.16
N LEU B 29 11.03 -22.94 -1.18
CA LEU B 29 12.16 -22.12 -0.77
C LEU B 29 12.49 -22.41 0.68
N GLY B 30 11.48 -22.26 1.55
CA GLY B 30 11.61 -22.50 3.00
C GLY B 30 12.08 -23.91 3.32
N THR B 31 11.53 -24.87 2.59
CA THR B 31 11.88 -26.28 2.81
C THR B 31 13.32 -26.52 2.39
N PHE B 32 13.71 -25.99 1.22
CA PHE B 32 15.09 -26.17 0.73
C PHE B 32 16.10 -25.49 1.70
N LEU B 33 15.81 -24.27 2.14
CA LEU B 33 16.72 -23.59 3.04
C LEU B 33 16.89 -24.31 4.38
N GLU B 34 15.80 -24.80 4.96
CA GLU B 34 15.88 -25.49 6.25
C GLU B 34 16.53 -26.87 6.13
N ASN B 35 16.22 -27.59 5.06
CA ASN B 35 16.90 -28.87 4.81
C ASN B 35 18.38 -28.63 4.71
N ARG B 36 18.82 -27.52 4.08
CA ARG B 36 20.25 -27.26 3.98
C ARG B 36 20.86 -27.02 5.37
N VAL B 37 20.23 -26.18 6.18
CA VAL B 37 20.74 -25.83 7.50
C VAL B 37 20.69 -27.02 8.42
N ASN B 38 19.58 -27.72 8.45
CA ASN B 38 19.54 -28.89 9.32
C ASN B 38 20.53 -30.00 8.94
N ASP B 39 20.73 -30.25 7.65
CA ASP B 39 21.77 -31.21 7.21
C ASP B 39 23.13 -30.82 7.75
N PHE B 40 23.49 -29.55 7.56
CA PHE B 40 24.72 -28.97 8.09
C PHE B 40 24.90 -29.18 9.58
N LEU B 41 23.83 -28.87 10.33
CA LEU B 41 23.79 -29.02 11.79
C LEU B 41 23.91 -30.48 12.18
N ARG B 42 23.14 -31.38 11.55
CA ARG B 42 23.31 -32.80 11.89
C ARG B 42 24.78 -33.19 11.70
N ARG B 43 25.41 -32.78 10.61
CA ARG B 43 26.83 -33.12 10.39
C ARG B 43 27.83 -32.63 11.47
N GLN B 44 27.50 -31.55 12.20
CA GLN B 44 28.38 -31.03 13.26
C GLN B 44 28.24 -31.83 14.51
N ASN B 45 27.02 -32.32 14.76
CA ASN B 45 26.74 -33.24 15.87
C ASN B 45 27.16 -32.54 17.17
N HIS B 46 26.61 -31.35 17.35
CA HIS B 46 26.76 -30.56 18.54
C HIS B 46 25.51 -30.76 19.42
N PRO B 47 25.69 -31.32 20.62
CA PRO B 47 24.53 -31.59 21.47
C PRO B 47 23.55 -30.40 21.68
N GLU B 48 24.08 -29.20 21.89
CA GLU B 48 23.25 -28.01 22.11
C GLU B 48 22.49 -27.48 20.86
N SER B 49 22.71 -28.04 19.68
CA SER B 49 22.02 -27.51 18.49
C SER B 49 20.57 -28.01 18.42
N GLY B 50 19.65 -27.08 18.17
CA GLY B 50 18.27 -27.42 17.94
C GLY B 50 17.84 -27.36 16.49
N GLU B 51 16.60 -27.76 16.24
CA GLU B 51 16.05 -27.82 14.90
C GLU B 51 15.74 -26.44 14.36
N VAL B 52 16.23 -26.16 13.16
CA VAL B 52 15.93 -24.90 12.50
C VAL B 52 14.76 -25.04 11.55
N THR B 53 13.85 -24.08 11.67
CA THR B 53 12.72 -23.94 10.80
C THR B 53 12.93 -22.70 9.94
N VAL B 54 12.70 -22.81 8.63
CA VAL B 54 12.75 -21.66 7.76
C VAL B 54 11.42 -21.50 7.03
N ARG B 55 10.84 -20.31 7.10
CA ARG B 55 9.57 -20.03 6.47
C ARG B 55 9.59 -18.71 5.71
N VAL B 56 8.99 -18.75 4.53
CA VAL B 56 8.68 -17.60 3.74
C VAL B 56 7.34 -17.13 4.30
N VAL B 57 7.28 -15.89 4.80
CA VAL B 57 6.06 -15.41 5.40
C VAL B 57 5.46 -14.27 4.64
N HIS B 58 6.08 -13.90 3.51
CA HIS B 58 5.47 -12.94 2.65
C HIS B 58 5.99 -13.09 1.23
N ALA B 59 5.12 -12.83 0.28
CA ALA B 59 5.45 -12.91 -1.13
C ALA B 59 4.35 -12.21 -1.94
N SER B 60 4.75 -11.10 -2.56
CA SER B 60 3.84 -10.31 -3.39
C SER B 60 4.59 -9.76 -4.55
N ASP B 61 3.85 -9.30 -5.55
CA ASP B 61 4.40 -8.74 -6.77
C ASP B 61 4.33 -7.23 -6.65
N LYS B 62 5.32 -6.54 -7.19
CA LYS B 62 5.44 -5.08 -7.08
C LYS B 62 6.13 -4.58 -8.32
N THR B 63 6.18 -3.28 -8.51
CA THR B 63 6.96 -2.70 -9.61
C THR B 63 7.80 -1.55 -9.08
N VAL B 64 8.95 -1.30 -9.69
CA VAL B 64 9.73 -0.11 -9.33
C VAL B 64 9.73 0.81 -10.54
N GLU B 65 9.28 2.06 -10.33
CA GLU B 65 9.15 3.06 -11.39
C GLU B 65 10.48 3.75 -11.60
N VAL B 66 10.85 4.05 -12.82
CA VAL B 66 12.06 4.84 -13.06
C VAL B 66 11.76 6.28 -12.62
N LYS B 67 12.65 6.87 -11.84
CA LYS B 67 12.46 8.26 -11.37
C LYS B 67 12.66 9.29 -12.50
N PRO B 68 12.01 10.46 -12.40
CA PRO B 68 11.95 11.52 -13.41
C PRO B 68 13.16 11.80 -14.32
N GLY B 69 14.36 11.93 -13.74
CA GLY B 69 15.53 12.37 -14.47
C GLY B 69 16.08 11.32 -15.41
N MET B 70 16.05 10.06 -14.95
CA MET B 70 16.36 8.89 -15.80
C MET B 70 15.19 8.63 -16.74
N LYS B 71 13.98 8.88 -16.24
CA LYS B 71 12.79 8.72 -17.03
C LYS B 71 12.82 9.62 -18.28
N ALA B 72 13.31 10.86 -18.14
CA ALA B 72 13.51 11.76 -19.27
C ALA B 72 14.82 11.49 -20.05
N ARG B 73 15.91 11.17 -19.38
CA ARG B 73 17.13 10.83 -20.11
C ARG B 73 16.90 9.59 -20.98
N PHE B 74 16.30 8.54 -20.43
CA PHE B 74 16.26 7.22 -21.11
C PHE B 74 14.89 6.56 -21.43
N VAL B 75 13.84 6.83 -20.65
CA VAL B 75 12.54 6.17 -20.87
C VAL B 75 11.75 6.77 -22.02
N ASP B 76 11.59 8.10 -22.03
CA ASP B 76 10.76 8.82 -23.03
C ASP B 76 11.31 8.57 -24.41
N SER B 77 12.64 8.57 -24.48
CA SER B 77 13.39 8.05 -25.63
C SER B 77 13.07 6.60 -26.03
N GLY B 78 12.69 5.78 -25.05
CA GLY B 78 12.47 4.35 -25.28
C GLY B 78 13.78 3.57 -25.30
N GLU B 79 14.87 4.16 -24.80
CA GLU B 79 16.11 3.42 -24.50
C GLU B 79 16.00 2.50 -23.26
N MET B 80 15.03 2.79 -22.39
CA MET B 80 14.88 2.11 -21.12
C MET B 80 13.41 2.01 -20.73
N ALA B 81 13.07 0.95 -20.01
CA ALA B 81 11.70 0.68 -19.61
C ALA B 81 11.25 1.61 -18.48
N GLU B 82 9.95 1.89 -18.43
CA GLU B 82 9.40 2.79 -17.42
C GLU B 82 9.41 2.20 -16.02
N SER B 83 9.16 0.90 -15.92
CA SER B 83 9.13 0.23 -14.62
C SER B 83 9.67 -1.17 -14.78
N PHE B 84 9.84 -1.86 -13.66
CA PHE B 84 10.36 -3.23 -13.65
C PHE B 84 9.62 -4.04 -12.61
N PRO B 85 8.97 -5.16 -13.04
CA PRO B 85 8.21 -5.95 -12.08
C PRO B 85 9.17 -6.83 -11.28
N TYR B 86 8.83 -7.07 -10.02
CA TYR B 86 9.54 -8.02 -9.18
C TYR B 86 8.62 -8.68 -8.22
N ARG B 87 9.13 -9.76 -7.65
CA ARG B 87 8.50 -10.42 -6.53
C ARG B 87 9.33 -10.08 -5.29
N THR B 88 8.67 -9.66 -4.23
CA THR B 88 9.36 -9.46 -2.97
C THR B 88 9.07 -10.69 -2.13
N LYS B 89 10.01 -11.06 -1.26
CA LYS B 89 9.79 -12.15 -0.34
C LYS B 89 10.37 -11.80 1.01
N ALA B 90 9.72 -12.24 2.08
CA ALA B 90 10.29 -12.10 3.41
C ALA B 90 10.42 -13.47 3.98
N LEU B 91 11.53 -13.73 4.65
CA LEU B 91 11.72 -15.05 5.22
C LEU B 91 12.51 -15.01 6.50
N PHE B 92 12.22 -15.96 7.35
CA PHE B 92 12.67 -15.93 8.70
C PHE B 92 13.07 -17.31 9.08
N ALA B 93 14.00 -17.38 10.04
CA ALA B 93 14.52 -18.61 10.55
C ALA B 93 14.35 -18.57 12.04
N PHE B 94 13.98 -19.73 12.57
CA PHE B 94 13.67 -19.92 13.96
C PHE B 94 14.38 -21.17 14.45
N GLU B 95 14.81 -21.15 15.70
CA GLU B 95 15.37 -22.32 16.35
C GLU B 95 14.52 -22.59 17.61
N GLU B 96 14.23 -23.86 17.86
CA GLU B 96 13.55 -24.25 19.09
C GLU B 96 14.60 -24.35 20.21
N ILE B 97 14.44 -23.56 21.27
CA ILE B 97 15.45 -23.50 22.35
C ILE B 97 15.01 -24.32 23.57
N ASP B 98 14.25 -23.68 24.47
CA ASP B 98 13.84 -24.34 25.71
C ASP B 98 12.47 -25.05 25.49
N GLY B 99 12.42 -25.91 24.46
CA GLY B 99 11.17 -26.22 23.76
C GLY B 99 10.38 -25.02 23.18
N VAL B 100 11.04 -23.86 23.00
CA VAL B 100 10.33 -22.62 22.64
C VAL B 100 10.98 -21.97 21.43
N ASP B 101 10.15 -21.55 20.50
CA ASP B 101 10.61 -20.91 19.27
C ASP B 101 11.28 -19.57 19.55
N LEU B 102 12.42 -19.38 18.90
CA LEU B 102 13.13 -18.11 18.82
C LEU B 102 13.42 -17.75 17.37
N CYS B 103 12.94 -16.57 16.98
CA CYS B 103 13.23 -16.03 15.67
C CYS B 103 14.57 -15.35 15.73
N PHE B 104 15.56 -15.87 14.99
CA PHE B 104 16.97 -15.40 15.06
C PHE B 104 17.54 -14.77 13.77
N PHE B 105 16.78 -14.83 12.68
CA PHE B 105 17.27 -14.36 11.42
C PHE B 105 16.10 -14.00 10.55
N GLY B 106 16.23 -12.90 9.82
CA GLY B 106 15.28 -12.58 8.83
C GLY B 106 15.88 -11.84 7.66
N MET B 107 15.16 -11.86 6.56
CA MET B 107 15.68 -11.35 5.33
C MET B 107 14.53 -10.99 4.40
N HIS B 108 14.70 -9.89 3.69
CA HIS B 108 13.79 -9.47 2.63
C HIS B 108 14.56 -9.47 1.30
N VAL B 109 13.95 -10.00 0.25
CA VAL B 109 14.62 -10.07 -1.05
C VAL B 109 13.71 -9.55 -2.14
N GLN B 110 14.30 -9.05 -3.22
CA GLN B 110 13.58 -8.65 -4.46
C GLN B 110 14.08 -9.52 -5.61
N GLU B 111 13.14 -10.08 -6.39
CA GLU B 111 13.42 -11.07 -7.39
C GLU B 111 12.84 -10.61 -8.69
N TYR B 112 13.72 -10.35 -9.66
CA TYR B 112 13.33 -9.82 -10.97
C TYR B 112 13.48 -10.96 -11.94
N GLY B 113 12.35 -11.50 -12.41
CA GLY B 113 12.37 -12.76 -13.16
C GLY B 113 12.62 -12.63 -14.64
N SER B 114 12.20 -13.66 -15.38
CA SER B 114 12.41 -13.75 -16.82
C SER B 114 11.47 -12.86 -17.63
N ASP B 115 10.34 -12.45 -17.07
CA ASP B 115 9.49 -11.41 -17.67
C ASP B 115 10.11 -10.01 -17.72
N CYS B 116 11.03 -9.77 -16.82
CA CYS B 116 11.53 -8.46 -16.55
C CYS B 116 12.44 -7.93 -17.67
N PRO B 117 12.27 -6.66 -18.08
CA PRO B 117 13.19 -6.15 -19.10
C PRO B 117 14.62 -5.99 -18.60
N PRO B 118 15.58 -5.90 -19.53
CA PRO B 118 16.90 -5.43 -19.09
C PRO B 118 16.78 -3.96 -18.63
N PRO B 119 17.63 -3.49 -17.72
CA PRO B 119 18.79 -4.18 -17.24
C PRO B 119 18.53 -5.10 -16.05
N ASN B 120 17.27 -5.29 -15.67
CA ASN B 120 16.91 -6.00 -14.43
C ASN B 120 16.74 -7.54 -14.55
N GLN B 121 16.86 -8.03 -15.76
CA GLN B 121 16.55 -9.42 -16.06
C GLN B 121 17.25 -10.48 -15.20
N ARG B 122 16.46 -11.35 -14.56
CA ARG B 122 16.98 -12.55 -13.85
C ARG B 122 17.94 -12.22 -12.69
N ARG B 123 17.59 -11.20 -11.93
CA ARG B 123 18.41 -10.80 -10.79
C ARG B 123 17.63 -10.86 -9.53
N VAL B 124 18.33 -11.24 -8.46
CA VAL B 124 17.86 -11.04 -7.10
C VAL B 124 18.70 -10.06 -6.32
N TYR B 125 18.06 -9.41 -5.36
CA TYR B 125 18.69 -8.33 -4.55
C TYR B 125 18.24 -8.50 -3.14
N ILE B 126 19.19 -8.55 -2.22
CA ILE B 126 18.88 -8.72 -0.82
C ILE B 126 18.59 -7.35 -0.22
N SER B 127 17.32 -7.10 0.11
CA SER B 127 16.90 -5.79 0.62
C SER B 127 17.51 -5.53 2.00
N TYR B 128 17.33 -6.49 2.90
CA TYR B 128 17.64 -6.31 4.31
C TYR B 128 17.85 -7.66 4.90
N LEU B 129 18.84 -7.79 5.76
CA LEU B 129 18.85 -8.89 6.69
C LEU B 129 19.33 -8.42 8.02
N ASP B 130 19.04 -9.25 8.99
CA ASP B 130 19.09 -8.86 10.34
C ASP B 130 18.96 -10.11 11.18
N SER B 131 19.51 -10.04 12.38
CA SER B 131 19.60 -11.20 13.27
C SER B 131 19.61 -10.80 14.73
N VAL B 132 19.37 -11.81 15.57
CA VAL B 132 19.29 -11.69 17.01
C VAL B 132 20.17 -12.79 17.55
N HIS B 133 21.19 -12.43 18.30
CA HIS B 133 22.36 -13.30 18.44
C HIS B 133 22.21 -14.51 19.36
N PHE B 134 20.99 -14.98 19.60
CA PHE B 134 20.79 -16.05 20.55
C PHE B 134 20.92 -17.49 20.00
N PHE B 135 21.32 -17.67 18.73
CA PHE B 135 21.50 -19.03 18.18
C PHE B 135 22.39 -19.91 19.09
N ARG B 136 21.89 -21.11 19.37
CA ARG B 136 22.59 -22.09 20.18
C ARG B 136 22.96 -23.27 19.25
N PRO B 137 24.22 -23.66 19.13
CA PRO B 137 25.38 -23.09 19.85
C PRO B 137 26.00 -21.89 19.16
N LYS B 138 26.62 -21.00 19.94
CA LYS B 138 27.04 -19.73 19.40
C LYS B 138 28.16 -19.92 18.41
N CYS B 139 28.93 -21.01 18.58
CA CYS B 139 30.04 -21.34 17.67
C CYS B 139 29.57 -21.80 16.28
N LEU B 140 28.28 -22.06 16.15
CA LEU B 140 27.68 -22.30 14.85
C LEU B 140 26.81 -21.16 14.34
N ARG B 141 26.80 -20.00 15.00
CA ARG B 141 25.84 -18.95 14.63
C ARG B 141 26.14 -18.41 13.24
N THR B 142 27.36 -17.96 13.04
CA THR B 142 27.76 -17.39 11.75
C THR B 142 27.68 -18.37 10.59
N ALA B 143 28.09 -19.60 10.84
CA ALA B 143 28.01 -20.63 9.83
C ALA B 143 26.54 -20.84 9.41
N VAL B 144 25.62 -20.89 10.35
CA VAL B 144 24.22 -21.11 9.97
C VAL B 144 23.73 -19.99 9.08
N TYR B 145 24.03 -18.73 9.43
CA TYR B 145 23.70 -17.55 8.59
C TYR B 145 24.24 -17.67 7.17
N HIS B 146 25.50 -18.06 7.05
CA HIS B 146 26.11 -18.31 5.73
C HIS B 146 25.39 -19.40 4.98
N GLU B 147 25.00 -20.48 5.67
CA GLU B 147 24.25 -21.60 5.06
C GLU B 147 22.89 -21.19 4.50
N ILE B 148 22.17 -20.34 5.23
CA ILE B 148 20.93 -19.76 4.76
C ILE B 148 21.15 -18.93 3.48
N LEU B 149 22.10 -18.03 3.50
CA LEU B 149 22.40 -17.19 2.32
C LEU B 149 22.85 -18.02 1.09
N ILE B 150 23.76 -18.92 1.32
CA ILE B 150 24.30 -19.74 0.27
C ILE B 150 23.22 -20.64 -0.26
N GLY B 151 22.35 -21.10 0.63
CA GLY B 151 21.20 -21.89 0.24
C GLY B 151 20.29 -21.10 -0.67
N TYR B 152 20.06 -19.84 -0.30
CA TYR B 152 19.20 -18.95 -1.08
C TYR B 152 19.78 -18.73 -2.46
N LEU B 153 21.09 -18.49 -2.52
CA LEU B 153 21.74 -18.33 -3.80
C LEU B 153 21.66 -19.61 -4.62
N GLU B 154 21.90 -20.75 -3.99
CA GLU B 154 21.76 -22.09 -4.64
C GLU B 154 20.37 -22.28 -5.23
N TYR B 155 19.36 -21.86 -4.45
CA TYR B 155 17.98 -22.02 -4.85
C TYR B 155 17.61 -21.20 -6.07
N VAL B 156 17.93 -19.91 -6.08
CA VAL B 156 17.46 -19.06 -7.19
C VAL B 156 18.22 -19.35 -8.48
N LYS B 157 19.47 -19.75 -8.35
CA LYS B 157 20.24 -20.27 -9.48
C LYS B 157 19.50 -21.40 -10.19
N LYS B 158 18.99 -22.32 -9.40
CA LYS B 158 18.32 -23.52 -9.88
C LYS B 158 17.01 -23.19 -10.59
N LEU B 159 16.33 -22.13 -10.15
CA LEU B 159 15.20 -21.56 -10.87
C LEU B 159 15.63 -20.86 -12.16
N GLY B 160 16.87 -20.39 -12.23
CA GLY B 160 17.39 -19.67 -13.40
C GLY B 160 17.68 -18.16 -13.28
N TYR B 161 17.80 -17.67 -12.05
CA TYR B 161 18.28 -16.30 -11.83
C TYR B 161 19.78 -16.31 -12.04
N THR B 162 20.32 -15.36 -12.80
CA THR B 162 21.75 -15.38 -13.21
C THR B 162 22.68 -14.63 -12.28
N THR B 163 22.13 -13.68 -11.54
CA THR B 163 22.94 -12.73 -10.82
C THR B 163 22.33 -12.36 -9.50
N GLY B 164 23.14 -12.29 -8.44
CA GLY B 164 22.73 -11.72 -7.18
C GLY B 164 23.41 -10.40 -6.81
N HIS B 165 22.74 -9.60 -6.00
CA HIS B 165 23.23 -8.26 -5.63
C HIS B 165 23.11 -8.06 -4.13
N ILE B 166 24.24 -7.87 -3.45
CA ILE B 166 24.27 -7.61 -2.02
C ILE B 166 24.89 -6.25 -1.72
N TRP B 167 24.19 -5.49 -0.89
CA TRP B 167 24.61 -4.18 -0.40
C TRP B 167 25.06 -4.40 1.05
N ALA B 168 26.36 -4.24 1.29
CA ALA B 168 26.91 -4.45 2.63
C ALA B 168 26.89 -3.16 3.44
N CYS B 169 25.73 -2.79 3.97
CA CYS B 169 25.63 -1.57 4.76
C CYS B 169 25.15 -1.91 6.16
N PRO B 170 26.03 -1.79 7.17
CA PRO B 170 25.53 -2.01 8.54
C PRO B 170 24.58 -0.88 8.94
N PRO B 171 23.63 -1.14 9.84
CA PRO B 171 22.75 -0.09 10.33
C PRO B 171 23.49 0.96 11.18
N SER B 172 23.04 2.21 11.10
CA SER B 172 23.64 3.29 11.90
C SER B 172 23.24 3.11 13.35
N GLU B 173 24.12 3.53 14.27
CA GLU B 173 23.95 3.34 15.73
C GLU B 173 22.49 3.48 16.17
N GLY B 174 21.96 2.46 16.82
CA GLY B 174 20.60 2.49 17.33
C GLY B 174 19.48 2.22 16.35
N ASP B 175 19.73 2.23 15.03
CA ASP B 175 18.64 1.92 14.06
C ASP B 175 18.62 0.38 13.84
N ASP B 176 17.42 -0.14 13.59
CA ASP B 176 17.17 -1.58 13.51
C ASP B 176 16.63 -1.89 12.14
N TYR B 177 17.19 -2.90 11.45
CA TYR B 177 16.71 -3.28 10.11
C TYR B 177 15.39 -4.04 10.18
N ILE B 178 15.35 -5.09 10.99
CA ILE B 178 14.16 -5.91 11.11
C ILE B 178 13.63 -6.06 12.57
N PHE B 179 14.52 -6.39 13.51
CA PHE B 179 14.15 -6.72 14.86
C PHE B 179 14.34 -5.48 15.73
N HIS B 180 13.26 -5.10 16.39
CA HIS B 180 13.23 -3.94 17.26
C HIS B 180 14.02 -4.23 18.53
N CYS B 181 15.00 -3.39 18.84
CA CYS B 181 15.68 -3.43 20.14
C CYS B 181 16.49 -4.74 20.27
N HIS B 182 17.68 -4.69 19.72
CA HIS B 182 18.63 -5.81 19.79
C HIS B 182 19.19 -5.90 21.20
N PRO B 183 19.84 -7.03 21.53
CA PRO B 183 20.47 -7.09 22.84
C PRO B 183 21.61 -6.09 22.95
N PRO B 184 21.81 -5.46 24.11
CA PRO B 184 22.85 -4.45 24.26
C PRO B 184 24.23 -4.94 23.98
N ASP B 185 24.54 -6.17 24.41
CA ASP B 185 25.85 -6.75 24.11
C ASP B 185 26.01 -7.43 22.72
N GLN B 186 25.03 -7.36 21.84
CA GLN B 186 25.25 -7.73 20.43
C GLN B 186 25.89 -6.58 19.63
N LYS B 187 27.18 -6.73 19.32
CA LYS B 187 27.94 -5.73 18.59
C LYS B 187 27.45 -5.73 17.11
N ILE B 188 27.43 -4.53 16.56
CA ILE B 188 27.05 -4.27 15.20
C ILE B 188 28.36 -4.14 14.42
N PRO B 189 28.54 -4.93 13.36
CA PRO B 189 29.80 -4.83 12.61
C PRO B 189 30.02 -3.45 11.96
N LYS B 190 31.28 -2.99 11.92
CA LYS B 190 31.68 -1.87 11.07
C LYS B 190 31.73 -2.36 9.60
N PRO B 191 31.67 -1.41 8.63
CA PRO B 191 31.69 -1.79 7.21
C PRO B 191 32.74 -2.84 6.86
N LYS B 192 33.98 -2.67 7.30
CA LYS B 192 35.04 -3.59 6.90
C LYS B 192 34.78 -5.04 7.35
N ARG B 193 34.24 -5.21 8.53
CA ARG B 193 33.98 -6.52 9.06
C ARG B 193 32.78 -7.16 8.33
N LEU B 194 31.78 -6.35 8.00
CA LEU B 194 30.58 -6.80 7.30
C LEU B 194 30.98 -7.22 5.91
N GLN B 195 31.85 -6.43 5.29
CA GLN B 195 32.28 -6.73 3.97
C GLN B 195 33.01 -8.05 3.92
N GLU B 196 33.87 -8.32 4.91
CA GLU B 196 34.61 -9.59 4.98
C GLU B 196 33.69 -10.75 5.21
N TRP B 197 32.62 -10.48 5.96
CA TRP B 197 31.64 -11.50 6.31
C TRP B 197 30.95 -11.95 5.04
N PHE B 198 30.48 -11.00 4.24
CA PHE B 198 30.00 -11.35 2.91
C PHE B 198 31.01 -12.08 2.03
N LYS B 199 32.27 -11.62 2.04
CA LYS B 199 33.32 -12.28 1.26
C LYS B 199 33.49 -13.73 1.72
N LYS B 200 33.46 -13.93 3.04
CA LYS B 200 33.65 -15.24 3.61
C LYS B 200 32.53 -16.18 3.17
N MET B 201 31.30 -15.70 3.20
CA MET B 201 30.16 -16.45 2.74
C MET B 201 30.26 -16.78 1.23
N LEU B 202 30.65 -15.82 0.43
CA LEU B 202 30.68 -15.97 -1.01
C LEU B 202 31.85 -16.82 -1.49
N ASP B 203 32.96 -16.79 -0.74
CA ASP B 203 34.10 -17.66 -1.04
C ASP B 203 33.69 -19.10 -0.83
N LYS B 204 32.95 -19.38 0.26
CA LYS B 204 32.43 -20.76 0.50
C LYS B 204 31.45 -21.18 -0.62
N ALA B 205 30.57 -20.26 -1.05
CA ALA B 205 29.68 -20.49 -2.18
C ALA B 205 30.41 -20.77 -3.49
N VAL B 206 31.51 -20.05 -3.72
CA VAL B 206 32.38 -20.29 -4.89
C VAL B 206 33.06 -21.66 -4.79
N SER B 207 33.60 -22.00 -3.63
CA SER B 207 34.29 -23.28 -3.47
C SER B 207 33.30 -24.46 -3.64
N GLU B 208 32.04 -24.26 -3.26
CA GLU B 208 30.96 -25.24 -3.52
C GLU B 208 30.49 -25.25 -4.99
N ARG B 209 31.02 -24.38 -5.83
CA ARG B 209 30.60 -24.24 -7.25
C ARG B 209 29.16 -23.79 -7.39
N ILE B 210 28.67 -23.02 -6.42
CA ILE B 210 27.33 -22.43 -6.54
C ILE B 210 27.49 -21.08 -7.24
N VAL B 211 28.29 -20.21 -6.64
CA VAL B 211 28.64 -18.95 -7.24
C VAL B 211 29.83 -19.18 -8.17
N HIS B 212 29.64 -18.80 -9.42
CA HIS B 212 30.68 -18.96 -10.44
C HIS B 212 31.82 -18.01 -10.09
N ASP B 213 31.47 -16.78 -9.72
CA ASP B 213 32.37 -15.81 -9.15
C ASP B 213 31.61 -14.51 -8.80
N TYR B 214 32.32 -13.57 -8.19
CA TYR B 214 31.73 -12.33 -7.76
C TYR B 214 32.74 -11.22 -7.80
N LYS B 215 32.27 -10.00 -7.96
CA LYS B 215 33.15 -8.84 -8.05
C LYS B 215 32.45 -7.68 -7.49
N ASP B 216 33.23 -6.74 -6.94
CA ASP B 216 32.76 -5.37 -6.68
C ASP B 216 32.25 -4.70 -7.97
N ILE B 217 31.33 -3.78 -7.80
CA ILE B 217 30.68 -3.10 -8.94
C ILE B 217 31.60 -2.42 -9.94
N PHE B 218 32.72 -1.87 -9.44
CA PHE B 218 33.63 -1.10 -10.27
C PHE B 218 34.28 -2.05 -11.25
N LYS B 219 34.84 -3.13 -10.71
CA LYS B 219 35.46 -4.18 -11.53
C LYS B 219 34.46 -4.82 -12.53
N GLN B 220 33.19 -4.90 -12.13
CA GLN B 220 32.13 -5.54 -12.96
C GLN B 220 31.69 -4.64 -14.12
N ALA B 221 31.55 -3.36 -13.85
CA ALA B 221 31.37 -2.37 -14.93
C ALA B 221 32.47 -2.47 -16.00
N THR B 222 33.71 -2.60 -15.55
CA THR B 222 34.83 -2.74 -16.45
C THR B 222 34.79 -4.06 -17.21
N GLU B 223 34.61 -5.20 -16.54
CA GLU B 223 34.53 -6.46 -17.30
C GLU B 223 33.36 -6.38 -18.31
N ASP B 224 32.25 -5.74 -17.95
CA ASP B 224 31.08 -5.63 -18.85
C ASP B 224 31.14 -4.48 -19.86
N ARG B 225 32.22 -3.71 -19.86
CA ARG B 225 32.35 -2.54 -20.70
C ARG B 225 31.10 -1.61 -20.67
N LEU B 226 30.58 -1.35 -19.47
CA LEU B 226 29.42 -0.46 -19.32
C LEU B 226 29.76 0.98 -19.68
N THR B 227 28.90 1.60 -20.48
CA THR B 227 29.05 3.01 -20.83
C THR B 227 27.96 3.89 -20.17
N SER B 228 26.72 3.46 -20.17
CA SER B 228 25.58 4.32 -19.78
C SER B 228 25.04 3.97 -18.39
N ALA B 229 24.36 4.92 -17.78
CA ALA B 229 23.69 4.68 -16.50
C ALA B 229 22.46 3.78 -16.64
N LYS B 230 21.90 3.67 -17.84
CA LYS B 230 20.72 2.82 -18.10
C LYS B 230 21.12 1.35 -18.09
N GLU B 231 22.42 1.05 -18.06
CA GLU B 231 22.91 -0.29 -17.90
C GLU B 231 22.98 -0.75 -16.44
N LEU B 232 22.61 0.11 -15.49
CA LEU B 232 22.71 -0.28 -14.10
C LEU B 232 21.40 -0.86 -13.63
N PRO B 233 21.44 -2.03 -12.99
CA PRO B 233 20.20 -2.50 -12.38
C PRO B 233 19.52 -1.43 -11.51
N TYR B 234 18.19 -1.42 -11.51
CA TYR B 234 17.35 -0.42 -10.85
C TYR B 234 16.43 -1.12 -9.84
N PHE B 235 16.85 -1.12 -8.57
CA PHE B 235 16.10 -1.79 -7.49
C PHE B 235 15.36 -0.77 -6.61
N GLU B 236 14.28 -1.22 -5.95
CA GLU B 236 13.57 -0.38 -5.00
C GLU B 236 14.38 -0.18 -3.73
N GLY B 237 14.46 1.08 -3.28
CA GLY B 237 15.03 1.39 -1.95
C GLY B 237 16.53 1.36 -1.95
N ASP B 238 17.13 1.31 -3.11
CA ASP B 238 18.54 1.06 -3.25
C ASP B 238 19.22 2.43 -3.34
N PHE B 239 20.51 2.44 -3.07
CA PHE B 239 21.35 3.63 -3.12
C PHE B 239 21.28 4.32 -4.47
N TRP B 240 21.42 3.53 -5.52
CA TRP B 240 21.79 4.06 -6.83
C TRP B 240 20.72 4.84 -7.62
N PRO B 241 19.42 4.50 -7.48
CA PRO B 241 18.47 5.40 -8.15
C PRO B 241 18.62 6.88 -7.77
N ASN B 242 18.77 7.16 -6.47
CA ASN B 242 18.91 8.54 -5.95
C ASN B 242 20.20 9.16 -6.49
N VAL B 243 21.31 8.44 -6.30
CA VAL B 243 22.60 8.84 -6.86
C VAL B 243 22.53 9.19 -8.35
N LEU B 244 21.70 8.44 -9.09
CA LEU B 244 21.49 8.73 -10.52
C LEU B 244 20.78 10.07 -10.74
N GLU B 245 19.72 10.36 -9.99
CA GLU B 245 19.02 11.65 -10.12
C GLU B 245 19.99 12.84 -9.92
N GLU B 246 20.87 12.73 -8.93
CA GLU B 246 21.86 13.77 -8.63
C GLU B 246 22.95 13.91 -9.73
N SER B 247 23.30 12.85 -10.47
CA SER B 247 24.15 12.99 -11.66
C SER B 247 23.33 13.68 -12.77
N SER B 256 29.04 10.04 -16.56
CA SER B 256 29.66 8.73 -16.82
C SER B 256 31.07 8.61 -16.26
N GLN B 257 31.83 9.71 -16.26
CA GLN B 257 33.04 9.83 -15.42
C GLN B 257 32.62 9.90 -13.94
N LYS B 258 31.64 10.75 -13.64
CA LYS B 258 31.04 10.85 -12.29
C LYS B 258 30.38 9.53 -11.83
N LEU B 259 29.72 8.81 -12.75
CA LEU B 259 29.25 7.45 -12.41
C LEU B 259 30.45 6.49 -12.14
N TYR B 260 31.35 6.26 -13.11
CA TYR B 260 32.54 5.35 -12.87
C TYR B 260 33.40 5.69 -11.62
N ALA B 261 33.36 6.95 -11.17
CA ALA B 261 34.10 7.42 -9.99
C ALA B 261 33.36 7.16 -8.70
N THR B 262 32.05 7.41 -8.69
CA THR B 262 31.21 7.10 -7.52
C THR B 262 31.16 5.55 -7.21
N MET B 263 31.19 4.74 -8.26
CA MET B 263 31.23 3.29 -8.16
C MET B 263 32.60 2.82 -7.63
N GLU B 264 33.66 3.49 -8.05
CA GLU B 264 34.98 3.18 -7.51
C GLU B 264 35.03 3.59 -6.02
N LYS B 265 34.53 4.77 -5.66
CA LYS B 265 34.53 5.23 -4.25
C LYS B 265 33.87 4.23 -3.28
N HIS B 266 32.74 3.64 -3.69
CA HIS B 266 31.94 2.73 -2.84
C HIS B 266 32.04 1.24 -3.22
N LYS B 267 33.00 0.86 -4.07
CA LYS B 267 33.08 -0.49 -4.63
C LYS B 267 33.04 -1.64 -3.60
N GLU B 268 33.59 -1.43 -2.39
CA GLU B 268 33.71 -2.49 -1.40
C GLU B 268 32.34 -2.84 -0.78
N VAL B 269 31.34 -2.01 -1.03
CA VAL B 269 30.03 -2.15 -0.39
C VAL B 269 28.98 -2.93 -1.28
N PHE B 270 29.22 -3.01 -2.58
CA PHE B 270 28.24 -3.50 -3.53
C PHE B 270 28.81 -4.68 -4.30
N PHE B 271 28.31 -5.88 -3.98
CA PHE B 271 28.79 -7.11 -4.61
C PHE B 271 27.85 -7.53 -5.74
N VAL B 272 28.44 -7.89 -6.86
CA VAL B 272 27.72 -8.45 -7.95
C VAL B 272 28.07 -9.92 -8.02
N ILE B 273 27.10 -10.78 -7.74
CA ILE B 273 27.34 -12.19 -7.66
C ILE B 273 26.82 -12.90 -8.90
N ARG B 274 27.72 -13.51 -9.63
CA ARG B 274 27.39 -14.23 -10.85
C ARG B 274 27.09 -15.74 -10.55
N LEU B 275 25.86 -16.13 -10.79
CA LEU B 275 25.41 -17.49 -10.56
C LEU B 275 25.55 -18.30 -11.83
N ILE B 276 25.23 -17.71 -12.98
CA ILE B 276 25.23 -18.43 -14.25
C ILE B 276 25.95 -17.55 -15.23
N ALA B 277 27.07 -18.03 -15.73
CA ALA B 277 27.96 -17.26 -16.57
C ALA B 277 27.87 -17.66 -18.02
N GLY B 278 28.18 -16.67 -18.86
CA GLY B 278 28.71 -16.88 -20.18
C GLY B 278 27.62 -17.09 -21.19
N PRO B 279 27.83 -18.02 -22.16
CA PRO B 279 26.77 -18.37 -23.12
C PRO B 279 25.45 -18.84 -22.47
N ALA B 280 25.57 -19.69 -21.45
CA ALA B 280 24.43 -20.40 -20.81
C ALA B 280 23.41 -19.49 -20.10
N ALA B 281 23.83 -18.29 -19.71
CA ALA B 281 22.91 -17.31 -19.21
C ALA B 281 21.95 -16.81 -20.29
N ASN B 282 22.28 -17.03 -21.56
CA ASN B 282 21.46 -16.54 -22.66
C ASN B 282 20.53 -17.63 -23.27
N SER B 283 20.75 -18.90 -22.94
CA SER B 283 19.93 -20.03 -23.44
C SER B 283 18.92 -20.62 -22.40
N LEU B 284 18.76 -20.00 -21.22
CA LEU B 284 17.90 -20.55 -20.18
C LEU B 284 16.42 -20.50 -20.52
N PRO B 285 15.62 -21.46 -19.99
CA PRO B 285 14.17 -21.41 -20.11
C PRO B 285 13.57 -20.40 -19.13
N PRO B 286 12.27 -20.11 -19.22
CA PRO B 286 11.71 -19.11 -18.31
C PRO B 286 11.83 -19.49 -16.84
N ILE B 287 11.89 -18.49 -15.98
CA ILE B 287 11.83 -18.69 -14.53
C ILE B 287 10.35 -18.85 -14.20
N VAL B 288 10.03 -19.93 -13.50
CA VAL B 288 8.68 -20.27 -13.07
C VAL B 288 8.82 -20.62 -11.60
N ASP B 289 8.31 -19.74 -10.77
CA ASP B 289 8.46 -19.88 -9.36
C ASP B 289 7.38 -20.82 -8.90
N PRO B 290 7.75 -22.02 -8.41
CA PRO B 290 6.71 -22.98 -8.02
C PRO B 290 5.93 -22.68 -6.75
N ASP B 291 6.39 -21.72 -5.93
CA ASP B 291 5.68 -21.26 -4.73
C ASP B 291 4.54 -20.24 -5.05
N PRO B 292 3.42 -20.30 -4.28
CA PRO B 292 2.38 -19.30 -4.50
C PRO B 292 2.69 -17.99 -3.80
N LEU B 293 1.98 -16.94 -4.18
CA LEU B 293 1.97 -15.69 -3.41
C LEU B 293 1.40 -15.91 -2.00
N ILE B 294 1.93 -15.16 -1.05
CA ILE B 294 1.59 -15.26 0.36
C ILE B 294 1.32 -13.83 0.79
N PRO B 295 0.05 -13.37 0.66
CA PRO B 295 -0.29 -12.02 1.17
C PRO B 295 -0.17 -11.98 2.70
N CYS B 296 0.52 -10.98 3.20
CA CYS B 296 0.75 -10.86 4.62
C CYS B 296 1.25 -9.47 4.81
N ASP B 297 0.35 -8.56 5.17
CA ASP B 297 0.70 -7.13 5.20
C ASP B 297 1.71 -6.75 6.29
N LEU B 298 1.73 -7.52 7.37
CA LEU B 298 2.74 -7.32 8.40
C LEU B 298 4.19 -7.47 7.88
N MET B 299 4.39 -8.32 6.88
CA MET B 299 5.74 -8.60 6.40
C MET B 299 6.02 -8.07 5.00
N ASP B 300 5.33 -6.98 4.64
CA ASP B 300 5.38 -6.37 3.31
C ASP B 300 6.34 -5.23 3.46
N GLY B 301 7.62 -5.61 3.49
CA GLY B 301 8.70 -4.71 3.85
C GLY B 301 8.95 -4.83 5.34
N ARG B 302 9.88 -4.00 5.80
CA ARG B 302 10.45 -4.07 7.16
C ARG B 302 9.69 -3.20 8.16
N ASP B 303 8.90 -2.26 7.66
CA ASP B 303 8.35 -1.20 8.52
C ASP B 303 7.16 -1.64 9.35
N ALA B 304 6.28 -2.46 8.80
CA ALA B 304 5.08 -2.85 9.58
C ALA B 304 5.43 -3.65 10.84
N PHE B 305 6.34 -4.61 10.75
CA PHE B 305 6.69 -5.41 11.91
C PHE B 305 7.51 -4.58 12.91
N LEU B 306 8.40 -3.73 12.43
CA LEU B 306 9.05 -2.74 13.34
C LEU B 306 8.11 -1.79 14.08
N THR B 307 7.10 -1.28 13.36
CA THR B 307 6.08 -0.46 13.96
C THR B 307 5.27 -1.25 15.00
N LEU B 308 4.90 -2.50 14.67
CA LEU B 308 4.15 -3.36 15.58
C LEU B 308 4.92 -3.58 16.88
N ALA B 309 6.21 -3.93 16.80
CA ALA B 309 7.01 -4.21 17.96
C ALA B 309 7.29 -2.96 18.81
N ARG B 310 7.38 -1.80 18.18
CA ARG B 310 7.54 -0.52 18.91
C ARG B 310 6.31 -0.12 19.72
N ASP B 311 5.14 -0.30 19.10
CA ASP B 311 3.88 0.09 19.72
C ASP B 311 3.48 -0.91 20.78
N LYS B 312 3.80 -2.19 20.58
CA LYS B 312 3.52 -3.22 21.62
C LYS B 312 4.67 -3.51 22.59
N HIS B 313 5.76 -2.76 22.50
CA HIS B 313 6.97 -2.96 23.32
C HIS B 313 7.51 -4.40 23.32
N LEU B 314 7.51 -5.03 22.13
CA LEU B 314 8.07 -6.35 21.89
C LEU B 314 9.53 -6.15 21.54
N GLU B 315 10.42 -6.63 22.39
CA GLU B 315 11.83 -6.40 22.20
C GLU B 315 12.45 -7.75 21.86
N PHE B 316 13.65 -7.67 21.29
CA PHE B 316 14.50 -8.83 21.05
C PHE B 316 15.84 -8.63 21.77
N SER B 317 15.77 -8.00 22.95
CA SER B 317 16.98 -7.54 23.69
C SER B 317 17.55 -8.54 24.74
N SER B 318 16.78 -9.56 25.07
CA SER B 318 17.24 -10.70 25.87
C SER B 318 16.48 -11.92 25.36
N LEU B 319 16.98 -13.10 25.67
CA LEU B 319 16.43 -14.36 25.16
C LEU B 319 14.92 -14.44 25.46
N ARG B 320 14.57 -14.18 26.73
CA ARG B 320 13.20 -14.29 27.23
C ARG B 320 12.28 -13.28 26.53
N ARG B 321 12.76 -12.07 26.34
CA ARG B 321 12.00 -11.07 25.59
C ARG B 321 11.88 -11.49 24.14
N ALA B 322 12.98 -11.95 23.57
CA ALA B 322 13.01 -12.41 22.20
C ALA B 322 12.04 -13.56 22.01
N GLN B 323 11.96 -14.49 22.96
CA GLN B 323 11.01 -15.61 22.85
C GLN B 323 9.55 -15.17 22.96
N TRP B 324 9.32 -14.18 23.78
CA TRP B 324 7.98 -13.67 23.98
C TRP B 324 7.52 -12.98 22.70
N SER B 325 8.35 -12.12 22.15
CA SER B 325 8.06 -11.44 20.89
C SER B 325 7.96 -12.39 19.68
N THR B 326 8.72 -13.48 19.67
CA THR B 326 8.56 -14.48 18.60
C THR B 326 7.16 -15.06 18.73
N MET B 327 6.79 -15.47 19.94
CA MET B 327 5.45 -15.99 20.13
C MET B 327 4.40 -15.00 19.54
N CYS B 328 4.50 -13.72 19.93
CA CYS B 328 3.55 -12.69 19.50
C CYS B 328 3.51 -12.52 17.99
N MET B 329 4.69 -12.46 17.39
CA MET B 329 4.87 -12.43 15.94
C MET B 329 4.19 -13.64 15.27
N LEU B 330 4.47 -14.84 15.80
CA LEU B 330 3.92 -16.07 15.23
C LEU B 330 2.42 -16.12 15.30
N VAL B 331 1.85 -15.64 16.41
CA VAL B 331 0.40 -15.60 16.52
C VAL B 331 -0.16 -14.68 15.44
N GLU B 332 0.52 -13.57 15.25
CA GLU B 332 0.11 -12.59 14.28
C GLU B 332 0.16 -13.21 12.85
N LEU B 333 1.16 -14.04 12.56
CA LEU B 333 1.28 -14.62 11.20
C LEU B 333 0.26 -15.69 10.90
N HIS B 334 -0.05 -16.49 11.90
CA HIS B 334 -1.09 -17.51 11.81
C HIS B 334 -2.53 -16.95 11.75
N THR B 335 -2.73 -15.65 12.00
CA THR B 335 -4.10 -15.10 12.17
C THR B 335 -4.58 -13.99 11.20
N GLN B 336 -3.68 -13.37 10.44
CA GLN B 336 -4.03 -12.63 9.20
C GLN B 336 -5.07 -13.39 8.31
#